data_9DER
#
_entry.id   9DER
#
_cell.length_a   1.00
_cell.length_b   1.00
_cell.length_c   1.00
_cell.angle_alpha   90.00
_cell.angle_beta   90.00
_cell.angle_gamma   90.00
#
_symmetry.space_group_name_H-M   'P 1'
#
loop_
_entity.id
_entity.type
_entity.pdbx_description
1 polymer 'Integrin alpha-IIb'
2 polymer 'Integrin beta-3'
3 branched beta-D-mannopyranose-(1-4)-2-acetamido-2-deoxy-beta-D-glucopyranose-(1-4)-2-acetamido-2-deoxy-beta-D-glucopyranose
4 branched beta-D-mannopyranose-(1-6)-beta-D-mannopyranose-(1-4)-2-acetamido-2-deoxy-beta-D-glucopyranose-(1-4)-2-acetamido-2-deoxy-beta-D-glucopyranose
5 branched beta-D-mannopyranose-(1-4)-beta-D-mannopyranose-(1-4)-2-acetamido-2-deoxy-beta-D-glucopyranose-(1-4)-2-acetamido-2-deoxy-beta-D-glucopyranose
6 branched 2-acetamido-2-deoxy-beta-D-glucopyranose-(1-4)-2-acetamido-2-deoxy-beta-D-glucopyranose
7 non-polymer 'CALCIUM ION'
8 non-polymer 'MAGNESIUM ION'
9 non-polymer TIROFIBAN
10 water water
#
loop_
_entity_poly.entity_id
_entity_poly.type
_entity_poly.pdbx_seq_one_letter_code
_entity_poly.pdbx_strand_id
1 'polypeptide(L)'
;LNLDPVQLTFYAGPNGSQFGFSLDFHKDSHGRVAIVVGAPRTLGPSQEETGGVFLCPWRAEGGQCPSLLFDLRDETRNVG
SQTLQTFKARQGLGASVVSWSDVIVACAPWQHWNVLEKTEEAEKTPVGSCFLAQPESGRRAEYSPCRGNTLSRIYVENDF
SWDKRYCEAGFSSVVTQAGELVLGAPGGYYFLGLLAQAPVADIFSSYRPGILLWHVSSQSLSFDSSNPEYFDGYWGYSVA
VGEFDGDLNTTEYVVGAPTWSWTLGAVEILDSYYQRLHRLRGEQMASYFGHSVAVTDVNGDGRHDLLVGAPLYMESRADR
KLAEVGRVYLFLQPRGPHALGAPSLLLTGTQLYGRFGSAIAPLGDLDRDGYNDIAVAAPYGGPSGRGQVLVFLGQSEGLR
SRPSQVLDSPFPTGSAFGFSLRGAVDIDDNGYPDLIVGAYGANQVAVYRAQPVVKASVQLLVQDSLNPAVKSCVLPQTKT
PVSCFNIQMCVGATGHNIPQKLSLNAELQLDRQKPRQGRRVLLLGSQQAGTTLNLDLGGKHSPICHTTMAFLRDEADFRD
KLSPIVLSLNVSLPPTEAGMAPAVVLHGDTHVQEQTRIVLDCGEDDVCVPQLQLTASVTGSPLLVGADNVLELQMDAANE
GEGAYEAELAVHLPQGAHYMRALSNVEGFERLICNQKKENETRVVLCELGNPMKKNAQIGIAMLVSVGNLEEAGESVSFQ
LQIRSKNSQNPNSKIVLLDVPVRAEAQVELRGNSFPASLVVAAEEGEREQNSLDSWGPKVEHTYELHNNGPGTVNGLHLS
IHLPGQSQPSDLLYILDIQPQGGLQCFPQPPVNPLKVDWGLPIPSPSPIHPAHHKRDRRQIFLPEPEQPSRLQDPVLVSC
DSAPCTVVQCDLQEMARGQRAMVTVLAFLWLPSLYQRPLDQFVLQSHAWFNVSSLPYAVPPLSLPRGEAQVWTQLLRALE
ERAIPIWWVLVGVLGGLLLLTILVLAMWKVGFFKRNRPPLEEDDEEGE
;
A
2 'polypeptide(L)'
;GPNICTTRGVSSCQQCLAVSPMCAWCSDEALPLGSPRCDLKENLLKDNCAPESIEFPVSEARVLEDRPLSDKGSGDSSQV
TQVSPQRIALRLRPDDSKNFSIQVRQVEDYPVDIYYLMDLSYSMKDDLWSIQNLGTKLATQMRKLTSNLRIGFGAFVDKP
VSPYMYISPPEALENPCYDMKTTCLPMFGYKHVLTLTDQVTRFNEEVKKQSVSRNRDAPEGGFDAIMQATVCDEKIGWRN
DASHLLVFTTDAKTHIALDGRLAGIVQPNDGQCHVGSDNHYSASTTMDYPSLGLMTEKLSQKNINLIFAVTENVVNLYQN
YSELIPGTTVGVLSMDSSNVLQLIVDAYGKIRSKVELEVRDLPEELSLSFNATCLNNEVIPGLKSCMGLKIGDTVSFSIE
AKVRGCPQEKEKSFTIKPVGFKDSLIVQVTFDCDCACQAQAEPNSHRCNNGNGTFECGVCRCGPGWLGSQCECSEEDYRP
SQQDECSPREGQPVCSQRGECLCGQCVCHSSDFGKITGKYCECDDFSCVRYKGEMCSGHGQCSCGDCLCDSDWTGYYCNC
TTRTDTCMSSNGLLCSGRGKCECGSCVCIQPGSYGDTCEKCPTCPDACTFKKECVECKKFDRGALHDENTCNRYCRDEIE
SVKELKDTGKDAVNCTYKNEDDCVVRFQYYEDSSGKSILYVVEEPECPKGPDILVVLLSVMGAILLIGLAALLIWKLLIT
IHDRKEFAKFEEERARAKWDTANNPLYKEATSTFTNITYRGT
;
B
#
# COMPACT_ATOMS: atom_id res chain seq x y z
N PRO A 5 14.50 -31.21 -1.68
CA PRO A 5 14.43 -30.05 -0.77
C PRO A 5 15.44 -30.13 0.36
N VAL A 6 15.76 -31.34 0.80
CA VAL A 6 16.72 -31.52 1.88
C VAL A 6 18.10 -31.01 1.47
N GLN A 7 18.52 -31.32 0.24
CA GLN A 7 19.82 -30.90 -0.26
C GLN A 7 19.76 -29.44 -0.69
N LEU A 8 19.58 -28.57 0.30
CA LEU A 8 19.53 -27.12 0.10
C LEU A 8 20.59 -26.52 1.03
N THR A 9 21.81 -26.41 0.53
CA THR A 9 22.92 -25.93 1.35
C THR A 9 22.86 -24.42 1.51
N PHE A 10 23.42 -23.94 2.63
CA PHE A 10 23.47 -22.52 2.95
C PHE A 10 24.93 -22.09 3.07
N TYR A 11 25.27 -21.00 2.40
CA TYR A 11 26.60 -20.40 2.49
C TYR A 11 26.46 -19.07 3.23
N ALA A 12 27.23 -18.91 4.29
CA ALA A 12 27.16 -17.74 5.15
C ALA A 12 28.35 -16.82 4.89
N GLY A 13 28.45 -15.76 5.69
CA GLY A 13 29.52 -14.80 5.56
C GLY A 13 29.62 -13.92 6.79
N PRO A 14 30.37 -12.82 6.68
CA PRO A 14 30.52 -11.91 7.82
C PRO A 14 29.17 -11.38 8.29
N ASN A 15 29.05 -11.22 9.61
CA ASN A 15 27.80 -10.75 10.18
C ASN A 15 27.44 -9.37 9.66
N GLY A 16 26.19 -9.20 9.25
CA GLY A 16 25.71 -7.92 8.75
C GLY A 16 26.52 -7.40 7.59
N SER A 17 26.48 -8.10 6.45
CA SER A 17 27.24 -7.68 5.28
C SER A 17 26.43 -7.84 3.98
N GLN A 18 25.14 -8.17 4.06
CA GLN A 18 24.32 -8.36 2.87
C GLN A 18 24.94 -9.39 1.93
N PHE A 19 25.45 -10.47 2.50
CA PHE A 19 26.09 -11.54 1.74
C PHE A 19 25.05 -12.21 0.86
N GLY A 20 25.13 -11.98 -0.45
CA GLY A 20 24.19 -12.58 -1.39
C GLY A 20 23.60 -11.58 -2.36
N PHE A 21 24.15 -10.37 -2.41
CA PHE A 21 23.64 -9.36 -3.33
C PHE A 21 23.75 -9.84 -4.78
N SER A 22 24.89 -10.43 -5.14
CA SER A 22 25.10 -10.98 -6.47
C SER A 22 25.86 -12.29 -6.34
N LEU A 23 25.55 -13.22 -7.24
CA LEU A 23 26.18 -14.54 -7.23
C LEU A 23 26.41 -15.01 -8.66
N ASP A 24 27.40 -15.89 -8.82
CA ASP A 24 27.71 -16.43 -10.13
C ASP A 24 28.59 -17.67 -9.92
N PHE A 25 28.92 -18.34 -11.03
CA PHE A 25 29.73 -19.55 -11.02
C PHE A 25 31.09 -19.26 -11.63
N HIS A 26 32.14 -19.88 -11.06
CA HIS A 26 33.50 -19.74 -11.56
C HIS A 26 34.08 -21.12 -11.81
N LYS A 27 34.77 -21.26 -12.94
CA LYS A 27 35.40 -22.52 -13.36
C LYS A 27 36.81 -22.20 -13.82
N ASP A 28 37.77 -22.32 -12.89
CA ASP A 28 39.16 -22.04 -13.21
C ASP A 28 39.74 -23.15 -14.09
N SER A 29 40.90 -22.86 -14.68
CA SER A 29 41.56 -23.85 -15.52
C SER A 29 41.92 -25.12 -14.76
N HIS A 30 42.07 -25.04 -13.44
CA HIS A 30 42.38 -26.22 -12.65
C HIS A 30 41.27 -27.26 -12.71
N GLY A 31 40.05 -26.85 -13.04
CA GLY A 31 38.93 -27.77 -13.12
C GLY A 31 38.01 -27.79 -11.93
N ARG A 32 38.22 -26.90 -10.96
CA ARG A 32 37.38 -26.82 -9.77
C ARG A 32 36.34 -25.72 -9.96
N VAL A 33 35.08 -26.05 -9.68
CA VAL A 33 33.96 -25.13 -9.84
C VAL A 33 33.62 -24.56 -8.47
N ALA A 34 33.47 -23.24 -8.39
CA ALA A 34 33.16 -22.56 -7.15
C ALA A 34 32.07 -21.53 -7.39
N ILE A 35 31.53 -21.00 -6.29
CA ILE A 35 30.48 -19.98 -6.34
C ILE A 35 31.09 -18.65 -5.90
N VAL A 36 31.01 -17.66 -6.79
CA VAL A 36 31.48 -16.32 -6.49
C VAL A 36 30.30 -15.50 -5.98
N VAL A 37 30.43 -14.98 -4.76
CA VAL A 37 29.37 -14.22 -4.10
C VAL A 37 29.92 -12.85 -3.75
N GLY A 38 29.18 -11.80 -4.10
CA GLY A 38 29.61 -10.44 -3.81
C GLY A 38 28.80 -9.79 -2.72
N ALA A 39 29.45 -9.47 -1.59
CA ALA A 39 28.80 -8.79 -0.49
C ALA A 39 29.17 -7.32 -0.53
N PRO A 40 28.24 -6.40 -0.87
CA PRO A 40 28.62 -4.99 -0.99
C PRO A 40 29.18 -4.40 0.28
N ARG A 41 28.71 -4.84 1.45
CA ARG A 41 29.07 -4.23 2.73
C ARG A 41 30.00 -5.14 3.55
N THR A 42 30.95 -5.78 2.88
CA THR A 42 31.91 -6.61 3.59
C THR A 42 32.79 -5.75 4.49
N LEU A 43 33.05 -6.27 5.69
CA LEU A 43 33.89 -5.58 6.66
C LEU A 43 35.35 -5.98 6.43
N GLY A 44 36.16 -5.03 5.98
CA GLY A 44 37.54 -5.28 5.68
C GLY A 44 38.42 -5.15 6.91
N PRO A 45 39.74 -5.22 6.72
CA PRO A 45 40.65 -5.07 7.87
C PRO A 45 40.59 -3.71 8.52
N SER A 46 40.07 -2.70 7.83
CA SER A 46 39.99 -1.34 8.37
C SER A 46 38.67 -1.09 9.09
N GLN A 47 37.87 -2.13 9.34
CA GLN A 47 36.58 -1.99 10.01
C GLN A 47 35.68 -1.02 9.27
N GLU A 48 35.69 -1.10 7.94
CA GLU A 48 34.87 -0.26 7.08
C GLU A 48 34.16 -1.14 6.07
N GLU A 49 32.90 -0.80 5.78
CA GLU A 49 32.10 -1.56 4.82
C GLU A 49 32.41 -1.07 3.41
N THR A 50 33.18 -1.86 2.67
CA THR A 50 33.56 -1.54 1.30
C THR A 50 33.01 -2.53 0.29
N GLY A 51 33.24 -3.83 0.51
CA GLY A 51 32.79 -4.84 -0.42
C GLY A 51 33.75 -6.01 -0.48
N GLY A 52 33.21 -7.22 -0.58
CA GLY A 52 34.03 -8.42 -0.60
C GLY A 52 33.53 -9.42 -1.61
N VAL A 53 34.45 -10.24 -2.10
CA VAL A 53 34.14 -11.31 -3.04
C VAL A 53 34.57 -12.62 -2.39
N PHE A 54 33.62 -13.54 -2.23
CA PHE A 54 33.85 -14.84 -1.61
C PHE A 54 33.79 -15.91 -2.69
N LEU A 55 34.88 -16.68 -2.81
CA LEU A 55 34.96 -17.79 -3.76
C LEU A 55 34.70 -19.09 -2.99
N CYS A 56 33.44 -19.33 -2.69
CA CYS A 56 33.06 -20.48 -1.89
C CYS A 56 33.27 -21.76 -2.69
N PRO A 57 34.08 -22.70 -2.21
CA PRO A 57 34.14 -24.02 -2.87
C PRO A 57 32.89 -24.83 -2.56
N TRP A 58 32.64 -25.83 -3.42
CA TRP A 58 31.47 -26.68 -3.26
C TRP A 58 31.61 -27.52 -2.00
N ARG A 59 30.88 -27.14 -0.95
CA ARG A 59 30.89 -27.85 0.33
C ARG A 59 29.46 -28.15 0.74
N ALA A 60 29.26 -29.37 1.28
CA ALA A 60 27.92 -29.76 1.71
C ALA A 60 27.43 -28.87 2.85
N GLU A 61 28.30 -28.56 3.81
CA GLU A 61 27.93 -27.74 4.96
C GLU A 61 27.93 -26.25 4.65
N GLY A 62 28.56 -25.84 3.55
CA GLY A 62 28.61 -24.42 3.24
C GLY A 62 29.28 -23.64 4.35
N GLY A 63 28.63 -22.56 4.78
CA GLY A 63 29.18 -21.74 5.85
C GLY A 63 30.08 -20.64 5.33
N GLN A 64 30.90 -20.12 6.25
CA GLN A 64 31.84 -19.06 5.90
C GLN A 64 32.85 -19.57 4.88
N CYS A 65 33.29 -18.66 4.01
CA CYS A 65 34.23 -18.98 2.95
C CYS A 65 35.44 -18.07 3.02
N PRO A 66 36.59 -18.51 2.52
CA PRO A 66 37.78 -17.64 2.55
C PRO A 66 37.68 -16.52 1.53
N SER A 67 37.51 -15.29 1.99
CA SER A 67 37.40 -14.15 1.09
C SER A 67 38.65 -14.03 0.24
N LEU A 68 38.47 -13.94 -1.08
CA LEU A 68 39.61 -13.81 -1.98
C LEU A 68 40.27 -12.45 -1.80
N LEU A 69 41.60 -12.45 -1.82
CA LEU A 69 42.35 -11.22 -1.60
C LEU A 69 42.11 -10.24 -2.75
N PHE A 70 41.81 -8.99 -2.41
CA PHE A 70 41.62 -7.93 -3.38
C PHE A 70 42.20 -6.64 -2.83
N ASP A 71 42.55 -5.73 -3.75
CA ASP A 71 43.15 -4.45 -3.38
C ASP A 71 42.06 -3.53 -2.86
N LEU A 72 41.81 -3.59 -1.57
CA LEU A 72 40.84 -2.71 -0.91
C LEU A 72 41.47 -1.40 -0.45
N ARG A 73 42.78 -1.25 -0.54
CA ARG A 73 43.45 -0.04 -0.11
C ARG A 73 43.33 1.04 -1.18
N ASP A 74 43.07 2.27 -0.75
CA ASP A 74 42.97 3.39 -1.68
C ASP A 74 44.33 3.68 -2.30
N GLU A 75 44.33 3.92 -3.61
CA GLU A 75 45.56 4.20 -4.36
C GLU A 75 45.59 5.67 -4.72
N THR A 76 46.50 6.42 -4.10
CA THR A 76 46.65 7.85 -4.38
C THR A 76 47.78 8.05 -5.40
N ARG A 77 47.46 7.71 -6.64
CA ARG A 77 48.45 7.78 -7.71
C ARG A 77 48.65 9.23 -8.16
N ASN A 78 49.88 9.54 -8.56
CA ASN A 78 50.22 10.86 -9.09
C ASN A 78 50.80 10.71 -10.49
N VAL A 79 50.23 11.43 -11.44
CA VAL A 79 50.69 11.37 -12.82
C VAL A 79 50.16 12.57 -13.58
N GLY A 80 51.00 13.14 -14.43
CA GLY A 80 50.59 14.25 -15.28
C GLY A 80 50.05 15.43 -14.52
N SER A 81 50.68 15.78 -13.40
CA SER A 81 50.23 16.89 -12.57
C SER A 81 48.79 16.68 -12.08
N GLN A 82 48.39 15.41 -11.95
CA GLN A 82 47.05 15.06 -11.50
C GLN A 82 47.16 13.96 -10.45
N THR A 83 46.17 13.91 -9.56
CA THR A 83 46.11 12.92 -8.49
C THR A 83 44.87 12.06 -8.70
N LEU A 84 45.09 10.77 -8.96
CA LEU A 84 44.01 9.81 -9.09
C LEU A 84 43.80 9.13 -7.75
N GLN A 85 42.60 9.32 -7.19
CA GLN A 85 42.25 8.75 -5.89
C GLN A 85 41.11 7.76 -6.08
N THR A 86 41.26 6.57 -5.52
CA THR A 86 40.26 5.51 -5.62
C THR A 86 39.51 5.43 -4.30
N PHE A 87 38.36 6.11 -4.22
CA PHE A 87 37.53 6.07 -3.02
C PHE A 87 36.83 4.71 -2.93
N LYS A 88 37.45 3.76 -2.23
CA LYS A 88 36.90 2.42 -2.11
C LYS A 88 35.96 2.27 -0.92
N ALA A 89 35.78 3.32 -0.13
CA ALA A 89 34.82 3.27 0.97
C ALA A 89 33.41 3.11 0.42
N ARG A 90 32.61 2.27 1.08
CA ARG A 90 31.25 1.95 0.65
C ARG A 90 31.19 1.78 -0.86
N GLN A 91 32.14 1.05 -1.42
CA GLN A 91 32.22 0.85 -2.86
C GLN A 91 31.28 -0.24 -3.37
N GLY A 92 30.71 -1.04 -2.47
CA GLY A 92 29.80 -2.09 -2.91
C GLY A 92 30.44 -3.09 -3.84
N LEU A 93 31.68 -3.50 -3.56
CA LEU A 93 32.37 -4.44 -4.41
C LEU A 93 31.62 -5.78 -4.44
N GLY A 94 31.48 -6.34 -5.64
CA GLY A 94 30.82 -7.61 -5.81
C GLY A 94 29.41 -7.54 -6.38
N ALA A 95 28.96 -6.36 -6.80
CA ALA A 95 27.62 -6.24 -7.36
C ALA A 95 27.44 -7.07 -8.62
N SER A 96 28.51 -7.38 -9.32
CA SER A 96 28.44 -8.19 -10.53
C SER A 96 29.72 -9.00 -10.65
N VAL A 97 29.60 -10.31 -10.51
CA VAL A 97 30.75 -11.23 -10.57
C VAL A 97 30.50 -12.22 -11.70
N VAL A 98 31.51 -12.38 -12.56
CA VAL A 98 31.47 -13.34 -13.66
C VAL A 98 32.83 -14.00 -13.77
N SER A 99 32.90 -15.05 -14.58
CA SER A 99 34.14 -15.80 -14.76
C SER A 99 34.30 -16.20 -16.22
N TRP A 100 35.55 -16.36 -16.64
CA TRP A 100 35.88 -16.81 -17.98
C TRP A 100 37.28 -17.41 -17.96
N SER A 101 37.40 -18.68 -18.33
CA SER A 101 38.67 -19.40 -18.30
C SER A 101 39.21 -19.34 -16.88
N ASP A 102 40.37 -18.72 -16.63
CA ASP A 102 40.92 -18.60 -15.29
C ASP A 102 40.91 -17.16 -14.79
N VAL A 103 39.95 -16.37 -15.26
CA VAL A 103 39.83 -14.95 -14.91
C VAL A 103 38.47 -14.73 -14.26
N ILE A 104 38.47 -14.04 -13.12
CA ILE A 104 37.25 -13.71 -12.40
C ILE A 104 37.11 -12.18 -12.44
N VAL A 105 36.00 -11.70 -12.98
CA VAL A 105 35.73 -10.27 -13.10
C VAL A 105 34.69 -9.90 -12.06
N ALA A 106 35.10 -9.06 -11.10
CA ALA A 106 34.20 -8.58 -10.05
C ALA A 106 34.14 -7.08 -10.11
N CYS A 107 32.95 -6.54 -10.42
CA CYS A 107 32.79 -5.12 -10.64
C CYS A 107 32.16 -4.44 -9.42
N ALA A 108 32.52 -3.18 -9.22
CA ALA A 108 32.05 -2.37 -8.10
C ALA A 108 31.48 -1.07 -8.66
N PRO A 109 30.23 -1.08 -9.11
CA PRO A 109 29.66 0.15 -9.69
C PRO A 109 29.70 1.34 -8.77
N TRP A 110 29.62 1.13 -7.46
CA TRP A 110 29.63 2.21 -6.48
C TRP A 110 31.04 2.60 -6.03
N GLN A 111 32.08 2.00 -6.62
CA GLN A 111 33.45 2.35 -6.29
C GLN A 111 33.75 3.72 -6.87
N HIS A 112 33.65 4.75 -6.03
CA HIS A 112 33.85 6.12 -6.48
C HIS A 112 35.32 6.36 -6.82
N TRP A 113 35.55 7.05 -7.94
CA TRP A 113 36.88 7.39 -8.41
C TRP A 113 36.95 8.89 -8.66
N ASN A 114 38.06 9.50 -8.23
CA ASN A 114 38.20 10.95 -8.29
C ASN A 114 39.54 11.32 -8.92
N VAL A 115 39.54 12.46 -9.61
CA VAL A 115 40.75 13.03 -10.20
C VAL A 115 40.86 14.47 -9.71
N LEU A 116 41.99 14.78 -9.08
CA LEU A 116 42.26 16.11 -8.55
C LEU A 116 43.31 16.80 -9.40
N GLU A 117 42.99 18.00 -9.87
CA GLU A 117 43.91 18.80 -10.68
C GLU A 117 43.61 20.27 -10.39
N LYS A 118 44.43 20.88 -9.56
CA LYS A 118 44.21 22.28 -9.15
C LYS A 118 42.85 22.35 -8.46
N THR A 119 42.17 23.50 -8.55
CA THR A 119 40.86 23.65 -7.92
C THR A 119 39.85 22.69 -8.53
N GLU A 120 39.87 22.55 -9.86
CA GLU A 120 38.90 21.69 -10.53
C GLU A 120 39.15 20.23 -10.18
N GLU A 121 38.07 19.46 -10.07
CA GLU A 121 38.14 18.04 -9.77
C GLU A 121 37.11 17.30 -10.59
N ALA A 122 37.36 16.00 -10.79
CA ALA A 122 36.47 15.14 -11.54
C ALA A 122 35.35 14.55 -10.70
N GLU A 123 35.35 14.80 -9.39
CA GLU A 123 34.30 14.33 -8.49
C GLU A 123 34.40 12.82 -8.31
N LYS A 124 34.15 12.34 -7.09
CA LYS A 124 34.20 10.91 -6.80
C LYS A 124 32.84 10.30 -7.10
N THR A 125 32.53 10.25 -8.39
CA THR A 125 31.28 9.67 -8.88
C THR A 125 31.40 8.16 -9.02
N PRO A 126 30.28 7.44 -8.96
CA PRO A 126 30.34 5.97 -9.10
C PRO A 126 30.66 5.55 -10.53
N VAL A 127 31.91 5.73 -10.95
CA VAL A 127 32.29 5.36 -12.30
C VAL A 127 32.18 3.85 -12.50
N GLY A 128 32.60 3.08 -11.50
CA GLY A 128 32.57 1.64 -11.60
C GLY A 128 33.88 1.05 -12.09
N SER A 129 34.52 0.22 -11.27
CA SER A 129 35.78 -0.42 -11.60
C SER A 129 35.65 -1.92 -11.40
N CYS A 130 36.23 -2.68 -12.33
CA CYS A 130 36.15 -4.15 -12.30
C CYS A 130 37.53 -4.72 -12.03
N PHE A 131 37.64 -5.54 -10.99
CA PHE A 131 38.88 -6.24 -10.68
C PHE A 131 38.91 -7.58 -11.41
N LEU A 132 40.04 -7.84 -12.07
CA LEU A 132 40.29 -9.12 -12.74
C LEU A 132 41.25 -9.92 -11.86
N ALA A 133 40.81 -11.09 -11.43
CA ALA A 133 41.57 -11.94 -10.52
C ALA A 133 41.95 -13.23 -11.25
N GLN A 134 43.23 -13.58 -11.18
CA GLN A 134 43.75 -14.83 -11.73
C GLN A 134 44.57 -15.49 -10.62
N PRO A 135 43.91 -16.25 -9.74
CA PRO A 135 44.66 -16.90 -8.64
C PRO A 135 45.75 -17.82 -9.11
N GLU A 136 45.56 -18.52 -10.24
CA GLU A 136 46.59 -19.44 -10.73
C GLU A 136 47.90 -18.69 -11.00
N SER A 137 47.81 -17.54 -11.65
CA SER A 137 48.96 -16.68 -11.88
C SER A 137 49.11 -15.62 -10.80
N GLY A 138 48.17 -15.54 -9.86
CA GLY A 138 48.26 -14.53 -8.81
C GLY A 138 48.23 -13.12 -9.33
N ARG A 139 47.37 -12.83 -10.29
CA ARG A 139 47.28 -11.52 -10.91
C ARG A 139 46.02 -10.80 -10.45
N ARG A 140 46.16 -9.52 -10.10
CA ARG A 140 45.05 -8.67 -9.67
C ARG A 140 45.10 -7.38 -10.47
N ALA A 141 44.40 -7.37 -11.60
CA ALA A 141 44.36 -6.22 -12.49
C ALA A 141 43.06 -5.44 -12.33
N GLU A 142 43.01 -4.26 -12.92
CA GLU A 142 41.84 -3.39 -12.86
C GLU A 142 41.47 -2.93 -14.25
N TYR A 143 40.16 -2.80 -14.49
CA TYR A 143 39.64 -2.32 -15.77
C TYR A 143 38.48 -1.38 -15.49
N SER A 144 38.48 -0.21 -16.13
CA SER A 144 37.44 0.78 -15.89
C SER A 144 37.29 1.70 -17.11
N PRO A 145 36.48 1.31 -18.09
CA PRO A 145 36.26 2.22 -19.23
C PRO A 145 35.67 3.55 -18.83
N CYS A 146 34.86 3.59 -17.76
CA CYS A 146 34.24 4.84 -17.34
C CYS A 146 35.29 5.87 -16.91
N ARG A 147 36.33 5.42 -16.21
CA ARG A 147 37.35 6.33 -15.74
C ARG A 147 37.99 7.08 -16.90
N GLY A 148 38.18 8.38 -16.71
CA GLY A 148 38.79 9.21 -17.74
C GLY A 148 39.28 10.52 -17.15
N ASN A 149 40.26 11.11 -17.82
CA ASN A 149 40.83 12.38 -17.39
C ASN A 149 39.93 13.57 -17.67
N THR A 150 38.87 13.39 -18.44
CA THR A 150 37.97 14.49 -18.74
C THR A 150 37.34 15.04 -17.47
N LEU A 151 37.32 16.36 -17.34
CA LEU A 151 36.78 17.02 -16.16
C LEU A 151 35.27 17.25 -16.31
N SER A 152 34.64 17.62 -15.20
CA SER A 152 33.20 17.88 -15.21
C SER A 152 32.87 19.05 -16.13
N ARG A 153 33.71 20.08 -16.12
CA ARG A 153 33.44 21.27 -16.95
C ARG A 153 33.36 20.90 -18.43
N ILE A 154 34.24 20.00 -18.88
CA ILE A 154 34.22 19.59 -20.29
C ILE A 154 32.89 18.94 -20.63
N TYR A 155 32.41 18.05 -19.76
CA TYR A 155 31.12 17.41 -20.01
C TYR A 155 29.99 18.43 -20.01
N VAL A 156 30.03 19.37 -19.07
CA VAL A 156 28.96 20.37 -18.98
C VAL A 156 28.93 21.23 -20.25
N GLU A 157 30.10 21.65 -20.72
CA GLU A 157 30.15 22.54 -21.88
C GLU A 157 29.64 21.87 -23.15
N ASN A 158 29.83 20.56 -23.28
CA ASN A 158 29.43 19.83 -24.48
C ASN A 158 28.05 19.21 -24.36
N ASP A 159 27.15 19.83 -23.61
CA ASP A 159 25.78 19.34 -23.45
C ASP A 159 25.76 17.92 -22.86
N PHE A 160 26.73 17.61 -22.00
CA PHE A 160 26.81 16.31 -21.34
C PHE A 160 26.97 15.17 -22.33
N SER A 161 27.39 15.47 -23.55
CA SER A 161 27.55 14.42 -24.57
C SER A 161 28.61 13.42 -24.13
N TRP A 162 28.31 12.13 -24.30
CA TRP A 162 29.23 11.05 -23.92
C TRP A 162 29.63 11.17 -22.46
N ASP A 163 28.65 11.48 -21.60
CA ASP A 163 28.91 11.64 -20.17
C ASP A 163 29.30 10.30 -19.57
N LYS A 164 30.55 10.19 -19.12
CA LYS A 164 31.08 8.98 -18.50
C LYS A 164 31.56 9.27 -17.09
N ARG A 165 30.78 10.04 -16.33
CA ARG A 165 31.11 10.39 -14.95
C ARG A 165 30.39 9.52 -13.93
N TYR A 166 29.15 9.13 -14.21
CA TYR A 166 28.34 8.32 -13.30
C TYR A 166 27.86 7.06 -14.01
N CYS A 167 28.78 6.39 -14.71
CA CYS A 167 28.39 5.21 -15.49
C CYS A 167 27.82 4.13 -14.59
N GLU A 168 28.46 3.89 -13.45
CA GLU A 168 28.20 2.71 -12.63
C GLU A 168 28.59 1.45 -13.40
N ALA A 169 29.83 1.44 -13.90
CA ALA A 169 30.29 0.36 -14.75
C ALA A 169 30.20 -0.97 -14.03
N GLY A 170 29.79 -2.01 -14.77
CA GLY A 170 29.65 -3.34 -14.21
C GLY A 170 28.29 -3.66 -13.66
N PHE A 171 27.27 -2.85 -13.94
CA PHE A 171 25.92 -3.15 -13.47
C PHE A 171 25.45 -4.49 -14.04
N SER A 172 25.68 -4.72 -15.33
CA SER A 172 25.45 -6.02 -15.94
C SER A 172 26.73 -6.47 -16.62
N SER A 173 27.06 -7.75 -16.48
CA SER A 173 28.29 -8.31 -17.04
C SER A 173 27.96 -9.61 -17.76
N VAL A 174 28.49 -9.74 -18.97
CA VAL A 174 28.32 -10.96 -19.77
C VAL A 174 29.64 -11.31 -20.43
N VAL A 175 29.83 -12.60 -20.69
CA VAL A 175 31.02 -13.11 -21.35
C VAL A 175 30.59 -13.77 -22.65
N THR A 176 31.16 -13.32 -23.76
CA THR A 176 30.83 -13.87 -25.06
C THR A 176 31.59 -15.17 -25.31
N GLN A 177 31.08 -15.96 -26.25
CA GLN A 177 31.74 -17.22 -26.59
C GLN A 177 33.13 -16.97 -27.16
N ALA A 178 33.31 -15.87 -27.89
CA ALA A 178 34.62 -15.56 -28.46
C ALA A 178 35.66 -15.34 -27.36
N GLY A 179 35.28 -14.65 -26.29
CA GLY A 179 36.19 -14.38 -25.19
C GLY A 179 36.24 -12.91 -24.83
N GLU A 180 35.27 -12.13 -25.30
CA GLU A 180 35.21 -10.70 -25.04
C GLU A 180 34.13 -10.42 -24.00
N LEU A 181 34.49 -9.68 -22.95
CA LEU A 181 33.57 -9.34 -21.88
C LEU A 181 32.81 -8.07 -22.24
N VAL A 182 31.50 -8.08 -22.04
CA VAL A 182 30.63 -6.95 -22.33
C VAL A 182 29.99 -6.51 -21.01
N LEU A 183 30.19 -5.24 -20.65
CA LEU A 183 29.63 -4.66 -19.45
C LEU A 183 28.65 -3.57 -19.84
N GLY A 184 27.44 -3.67 -19.30
CA GLY A 184 26.41 -2.67 -19.50
C GLY A 184 26.14 -1.87 -18.24
N ALA A 185 26.26 -0.56 -18.34
CA ALA A 185 26.08 0.35 -17.21
C ALA A 185 24.93 1.31 -17.50
N PRO A 186 23.77 1.14 -16.86
CA PRO A 186 22.66 2.07 -17.15
C PRO A 186 22.94 3.50 -16.73
N GLY A 187 23.91 3.73 -15.84
CA GLY A 187 24.23 5.07 -15.39
C GLY A 187 25.02 5.92 -16.36
N GLY A 188 25.49 5.32 -17.45
CA GLY A 188 26.29 6.07 -18.40
C GLY A 188 25.47 7.05 -19.20
N TYR A 189 26.17 8.00 -19.83
CA TYR A 189 25.54 9.05 -20.63
C TYR A 189 24.47 9.77 -19.83
N TYR A 190 24.79 10.06 -18.57
CA TYR A 190 23.87 10.73 -17.64
C TYR A 190 22.59 9.91 -17.48
N PHE A 191 22.75 8.70 -16.98
CA PHE A 191 21.69 7.74 -16.66
C PHE A 191 21.03 7.15 -17.89
N LEU A 192 21.40 7.57 -19.11
CA LEU A 192 20.85 6.93 -20.29
C LEU A 192 21.34 5.50 -20.42
N GLY A 193 22.61 5.25 -20.11
CA GLY A 193 23.18 3.93 -20.14
C GLY A 193 24.11 3.73 -21.33
N LEU A 194 25.02 2.76 -21.18
CA LEU A 194 25.99 2.48 -22.22
C LEU A 194 26.45 1.03 -22.11
N LEU A 195 27.10 0.56 -23.17
CA LEU A 195 27.68 -0.78 -23.23
C LEU A 195 29.14 -0.66 -23.65
N ALA A 196 29.99 -1.48 -23.04
CA ALA A 196 31.41 -1.50 -23.36
C ALA A 196 31.87 -2.94 -23.51
N GLN A 197 32.39 -3.28 -24.69
CA GLN A 197 32.88 -4.61 -24.98
C GLN A 197 34.40 -4.57 -25.14
N ALA A 198 35.10 -5.52 -24.53
CA ALA A 198 36.55 -5.56 -24.61
C ALA A 198 37.07 -6.97 -24.42
N PRO A 199 38.09 -7.38 -25.18
CA PRO A 199 38.71 -8.69 -24.90
C PRO A 199 39.39 -8.70 -23.54
N VAL A 200 39.32 -9.85 -22.87
CA VAL A 200 39.99 -10.01 -21.60
C VAL A 200 41.51 -10.06 -21.79
N ALA A 201 41.97 -10.74 -22.84
CA ALA A 201 43.40 -10.88 -23.06
C ALA A 201 44.06 -9.53 -23.30
N ASP A 202 43.43 -8.67 -24.09
CA ASP A 202 44.02 -7.37 -24.40
C ASP A 202 44.18 -6.53 -23.14
N ILE A 203 43.13 -6.45 -22.32
CA ILE A 203 43.21 -5.66 -21.09
C ILE A 203 44.23 -6.27 -20.13
N PHE A 204 44.28 -7.60 -20.05
CA PHE A 204 45.26 -8.23 -19.17
C PHE A 204 46.68 -7.91 -19.61
N SER A 205 46.94 -7.98 -20.92
CA SER A 205 48.28 -7.69 -21.41
C SER A 205 48.66 -6.22 -21.22
N SER A 206 47.71 -5.32 -21.48
CA SER A 206 47.99 -3.88 -21.40
C SER A 206 48.04 -3.37 -19.97
N TYR A 207 47.54 -4.12 -19.00
CA TYR A 207 47.53 -3.66 -17.61
C TYR A 207 48.95 -3.59 -17.07
N ARG A 208 49.22 -2.53 -16.31
CA ARG A 208 50.49 -2.36 -15.61
C ARG A 208 50.20 -1.86 -14.20
N PRO A 209 51.06 -2.19 -13.24
CA PRO A 209 50.81 -1.76 -11.86
C PRO A 209 50.90 -0.25 -11.69
N GLY A 210 50.09 0.27 -10.77
CA GLY A 210 50.16 1.69 -10.43
C GLY A 210 49.89 2.63 -11.58
N ILE A 211 48.86 2.36 -12.38
CA ILE A 211 48.49 3.23 -13.49
C ILE A 211 47.10 3.78 -13.23
N LEU A 212 46.11 2.89 -13.15
CA LEU A 212 44.71 3.20 -12.84
C LEU A 212 44.01 3.96 -13.97
N LEU A 213 44.71 4.30 -15.06
CA LEU A 213 44.09 5.03 -16.16
C LEU A 213 44.93 4.81 -17.40
N TRP A 214 44.36 4.11 -18.39
CA TRP A 214 45.07 3.86 -19.64
C TRP A 214 44.05 3.50 -20.71
N HIS A 215 44.12 4.16 -21.86
CA HIS A 215 43.20 3.89 -22.95
C HIS A 215 43.43 2.50 -23.50
N VAL A 216 42.34 1.82 -23.85
CA VAL A 216 42.38 0.47 -24.42
C VAL A 216 42.03 0.57 -25.90
N SER A 217 42.91 0.03 -26.74
CA SER A 217 42.68 0.10 -28.19
C SER A 217 41.51 -0.77 -28.62
N SER A 218 41.27 -1.89 -27.93
CA SER A 218 40.23 -2.82 -28.31
C SER A 218 38.87 -2.47 -27.72
N GLN A 219 38.77 -1.40 -26.94
CA GLN A 219 37.48 -1.04 -26.34
C GLN A 219 36.50 -0.61 -27.41
N SER A 220 35.22 -0.87 -27.15
CA SER A 220 34.14 -0.52 -28.07
C SER A 220 32.94 -0.08 -27.24
N LEU A 221 32.67 1.22 -27.22
CA LEU A 221 31.58 1.79 -26.43
C LEU A 221 30.35 2.02 -27.30
N SER A 222 29.21 2.12 -26.64
CA SER A 222 27.95 2.33 -27.34
C SER A 222 27.88 3.75 -27.91
N PHE A 223 27.05 3.92 -28.93
CA PHE A 223 26.89 5.20 -29.59
C PHE A 223 25.81 6.01 -28.89
N ASP A 224 26.13 7.25 -28.53
CA ASP A 224 25.19 8.10 -27.82
C ASP A 224 24.02 8.48 -28.72
N SER A 225 22.84 8.60 -28.11
CA SER A 225 21.62 8.99 -28.80
C SER A 225 21.07 10.28 -28.19
N SER A 226 20.71 11.23 -29.05
CA SER A 226 20.19 12.52 -28.60
C SER A 226 18.67 12.55 -28.55
N ASN A 227 18.00 11.45 -28.86
CA ASN A 227 16.54 11.44 -28.83
C ASN A 227 16.05 11.61 -27.40
N PRO A 228 15.16 12.58 -27.12
CA PRO A 228 14.69 12.75 -25.74
C PRO A 228 14.01 11.51 -25.17
N GLU A 229 13.43 10.67 -26.02
CA GLU A 229 12.71 9.49 -25.52
C GLU A 229 13.65 8.58 -24.73
N TYR A 230 14.95 8.63 -25.00
CA TYR A 230 15.91 7.81 -24.29
C TYR A 230 16.37 8.43 -22.97
N PHE A 231 16.05 9.69 -22.72
CA PHE A 231 16.49 10.33 -21.49
C PHE A 231 15.95 9.60 -20.27
N ASP A 232 16.82 9.33 -19.31
CA ASP A 232 16.46 8.65 -18.06
C ASP A 232 15.86 7.28 -18.30
N GLY A 233 16.08 6.70 -19.49
CA GLY A 233 15.50 5.40 -19.80
C GLY A 233 16.27 4.23 -19.24
N TYR A 234 17.51 4.44 -18.81
CA TYR A 234 18.36 3.36 -18.30
C TYR A 234 18.61 2.30 -19.38
N TRP A 235 19.10 2.75 -20.52
CA TRP A 235 19.42 1.85 -21.62
C TRP A 235 20.68 1.06 -21.31
N GLY A 236 20.51 -0.16 -20.77
CA GLY A 236 21.62 -0.96 -20.34
C GLY A 236 21.38 -1.61 -19.00
N TYR A 237 20.17 -1.47 -18.46
CA TYR A 237 19.87 -2.07 -17.16
C TYR A 237 20.02 -3.58 -17.20
N SER A 238 19.54 -4.22 -18.26
CA SER A 238 19.74 -5.65 -18.47
C SER A 238 20.46 -5.87 -19.80
N VAL A 239 21.43 -6.78 -19.82
CA VAL A 239 22.24 -7.05 -21.00
C VAL A 239 22.25 -8.56 -21.24
N ALA A 240 22.05 -8.95 -22.49
CA ALA A 240 22.14 -10.34 -22.91
C ALA A 240 22.85 -10.42 -24.24
N VAL A 241 23.43 -11.59 -24.51
CA VAL A 241 24.18 -11.84 -25.74
C VAL A 241 23.52 -13.00 -26.48
N GLY A 242 23.26 -12.81 -27.77
CA GLY A 242 22.63 -13.85 -28.55
C GLY A 242 22.69 -13.53 -30.02
N GLU A 243 22.01 -14.36 -30.81
CA GLU A 243 21.92 -14.19 -32.25
C GLU A 243 20.46 -14.03 -32.65
N PHE A 244 20.18 -12.98 -33.42
CA PHE A 244 18.82 -12.71 -33.88
C PHE A 244 18.72 -12.37 -35.36
N ASP A 245 19.80 -11.91 -36.00
CA ASP A 245 19.78 -11.58 -37.42
C ASP A 245 20.28 -12.73 -38.30
N GLY A 246 20.59 -13.88 -37.72
CA GLY A 246 21.02 -15.03 -38.47
C GLY A 246 22.52 -15.13 -38.72
N ASP A 247 23.30 -14.15 -38.30
CA ASP A 247 24.75 -14.16 -38.48
C ASP A 247 25.39 -14.82 -37.28
N LEU A 248 25.80 -16.08 -37.44
CA LEU A 248 26.40 -16.81 -36.32
C LEU A 248 27.73 -16.18 -35.91
N ASN A 249 28.53 -15.74 -36.88
CA ASN A 249 29.82 -15.13 -36.55
C ASN A 249 29.65 -13.95 -35.60
N THR A 250 28.79 -13.01 -35.97
CA THR A 250 28.62 -11.80 -35.18
C THR A 250 27.77 -12.07 -33.94
N THR A 251 28.10 -11.37 -32.86
CA THR A 251 27.37 -11.46 -31.61
C THR A 251 26.46 -10.25 -31.46
N GLU A 252 25.17 -10.49 -31.25
CA GLU A 252 24.19 -9.44 -31.09
C GLU A 252 23.89 -9.23 -29.61
N TYR A 253 23.61 -7.97 -29.26
CA TYR A 253 23.40 -7.57 -27.88
C TYR A 253 21.96 -7.12 -27.68
N VAL A 254 21.32 -7.66 -26.64
CA VAL A 254 19.96 -7.30 -26.27
C VAL A 254 20.02 -6.48 -25.00
N VAL A 255 19.48 -5.26 -25.05
CA VAL A 255 19.51 -4.32 -23.94
C VAL A 255 18.07 -4.08 -23.49
N GLY A 256 17.79 -4.42 -22.23
CA GLY A 256 16.49 -4.21 -21.65
C GLY A 256 16.51 -3.02 -20.70
N ALA A 257 15.69 -2.01 -21.01
CA ALA A 257 15.59 -0.80 -20.23
C ALA A 257 14.22 -0.71 -19.58
N PRO A 258 14.11 -0.64 -18.25
CA PRO A 258 12.76 -0.63 -17.64
C PRO A 258 12.09 0.74 -17.64
N THR A 259 12.85 1.83 -17.79
CA THR A 259 12.30 3.17 -17.73
C THR A 259 12.32 3.88 -19.08
N TRP A 260 12.55 3.16 -20.17
CA TRP A 260 12.62 3.78 -21.48
C TRP A 260 11.26 4.33 -21.90
N SER A 261 11.29 5.48 -22.56
CA SER A 261 10.08 6.12 -23.09
C SER A 261 9.05 6.35 -21.99
N TRP A 262 9.42 7.17 -21.01
CA TRP A 262 8.52 7.59 -19.94
C TRP A 262 8.02 6.39 -19.14
N THR A 263 8.97 5.63 -18.60
CA THR A 263 8.70 4.56 -17.66
C THR A 263 8.08 3.33 -18.33
N LEU A 264 7.77 3.43 -19.63
CA LEU A 264 7.18 2.30 -20.32
C LEU A 264 8.16 1.13 -20.40
N GLY A 265 9.42 1.40 -20.69
CA GLY A 265 10.40 0.35 -20.85
C GLY A 265 10.35 -0.29 -22.23
N ALA A 266 11.41 -1.00 -22.55
CA ALA A 266 11.51 -1.66 -23.86
C ALA A 266 12.77 -2.54 -23.87
N VAL A 267 12.94 -3.25 -24.98
CA VAL A 267 14.12 -4.08 -25.21
C VAL A 267 14.59 -3.85 -26.65
N GLU A 268 15.87 -3.53 -26.81
CA GLU A 268 16.45 -3.23 -28.11
C GLU A 268 17.51 -4.27 -28.44
N ILE A 269 17.39 -4.87 -29.62
CA ILE A 269 18.37 -5.83 -30.13
C ILE A 269 19.23 -5.12 -31.16
N LEU A 270 20.54 -5.14 -30.95
CA LEU A 270 21.48 -4.42 -31.79
C LEU A 270 22.59 -5.37 -32.23
N ASP A 271 23.23 -5.02 -33.34
CA ASP A 271 24.34 -5.81 -33.88
C ASP A 271 25.59 -5.59 -33.04
N SER A 272 26.69 -6.24 -33.45
CA SER A 272 27.96 -6.08 -32.75
C SER A 272 28.48 -4.66 -32.83
N TYR A 273 28.09 -3.90 -33.85
CA TYR A 273 28.54 -2.52 -34.03
C TYR A 273 27.67 -1.52 -33.29
N TYR A 274 26.88 -1.97 -32.30
CA TYR A 274 26.04 -1.09 -31.51
C TYR A 274 25.08 -0.29 -32.40
N GLN A 275 24.53 -0.95 -33.41
CA GLN A 275 23.54 -0.36 -34.31
C GLN A 275 22.21 -1.07 -34.08
N ARG A 276 21.16 -0.30 -33.85
CA ARG A 276 19.86 -0.87 -33.52
C ARG A 276 19.34 -1.72 -34.67
N LEU A 277 19.06 -2.99 -34.38
CA LEU A 277 18.46 -3.91 -35.34
C LEU A 277 16.96 -4.02 -35.19
N HIS A 278 16.46 -4.11 -33.96
CA HIS A 278 15.03 -4.21 -33.72
C HIS A 278 14.71 -3.68 -32.33
N ARG A 279 13.43 -3.33 -32.15
CA ARG A 279 12.95 -2.79 -30.89
C ARG A 279 11.63 -3.46 -30.52
N LEU A 280 11.42 -3.63 -29.22
CA LEU A 280 10.20 -4.21 -28.70
C LEU A 280 9.75 -3.43 -27.48
N ARG A 281 8.45 -3.16 -27.39
CA ARG A 281 7.87 -2.40 -26.29
C ARG A 281 6.82 -3.22 -25.58
N GLY A 282 6.73 -3.05 -24.27
CA GLY A 282 5.75 -3.76 -23.47
C GLY A 282 4.34 -3.24 -23.69
N GLU A 283 3.38 -4.02 -23.19
CA GLU A 283 1.97 -3.66 -23.34
C GLU A 283 1.52 -2.68 -22.27
N GLN A 284 1.67 -3.06 -21.01
CA GLN A 284 1.24 -2.23 -19.90
C GLN A 284 2.37 -1.31 -19.44
N MET A 285 2.00 -0.13 -18.98
CA MET A 285 2.94 0.87 -18.49
C MET A 285 3.10 0.72 -16.97
N ALA A 286 4.23 1.23 -16.47
CA ALA A 286 4.57 1.23 -15.05
C ALA A 286 4.81 -0.17 -14.51
N SER A 287 4.97 -1.16 -15.36
CA SER A 287 5.20 -2.53 -14.94
C SER A 287 6.68 -2.88 -14.83
N TYR A 288 7.58 -1.92 -15.08
CA TYR A 288 9.01 -2.14 -15.03
C TYR A 288 9.42 -3.21 -16.05
N PHE A 289 9.07 -2.95 -17.31
CA PHE A 289 9.33 -3.88 -18.40
C PHE A 289 10.77 -3.68 -18.87
N GLY A 290 11.66 -4.57 -18.45
CA GLY A 290 13.05 -4.49 -18.84
C GLY A 290 14.03 -4.65 -17.70
N HIS A 291 13.54 -5.07 -16.52
CA HIS A 291 14.43 -5.25 -15.38
C HIS A 291 15.49 -6.30 -15.68
N SER A 292 15.09 -7.42 -16.29
CA SER A 292 16.02 -8.48 -16.64
C SER A 292 15.51 -9.16 -17.89
N VAL A 293 16.27 -9.06 -18.99
CA VAL A 293 15.89 -9.64 -20.27
C VAL A 293 16.81 -10.84 -20.53
N ALA A 294 16.21 -11.96 -20.88
CA ALA A 294 16.93 -13.20 -21.15
C ALA A 294 16.75 -13.60 -22.61
N VAL A 295 17.79 -14.21 -23.17
CA VAL A 295 17.78 -14.69 -24.55
C VAL A 295 17.94 -16.20 -24.52
N THR A 296 16.99 -16.91 -25.12
CA THR A 296 17.01 -18.36 -25.16
C THR A 296 15.94 -18.83 -26.13
N ASP A 297 16.24 -19.93 -26.84
CA ASP A 297 15.32 -20.50 -27.83
C ASP A 297 14.34 -21.41 -27.09
N VAL A 298 13.25 -20.83 -26.60
CA VAL A 298 12.27 -21.62 -25.86
C VAL A 298 11.64 -22.67 -26.78
N ASN A 299 11.27 -22.27 -27.99
CA ASN A 299 10.69 -23.24 -28.93
C ASN A 299 11.72 -24.26 -29.37
N GLY A 300 12.98 -23.85 -29.52
CA GLY A 300 14.04 -24.76 -29.89
C GLY A 300 14.10 -25.08 -31.37
N ASP A 301 14.32 -24.06 -32.21
CA ASP A 301 14.47 -24.25 -33.65
C ASP A 301 15.68 -23.49 -34.19
N GLY A 302 16.58 -23.04 -33.32
CA GLY A 302 17.78 -22.36 -33.73
C GLY A 302 17.73 -20.85 -33.66
N ARG A 303 16.57 -20.27 -33.37
CA ARG A 303 16.41 -18.82 -33.27
C ARG A 303 16.17 -18.45 -31.82
N HIS A 304 17.00 -17.55 -31.29
CA HIS A 304 16.86 -17.12 -29.91
C HIS A 304 15.57 -16.33 -29.72
N ASP A 305 14.98 -16.46 -28.54
CA ASP A 305 13.74 -15.80 -28.18
C ASP A 305 13.96 -14.94 -26.94
N LEU A 306 13.15 -13.90 -26.80
CA LEU A 306 13.33 -12.89 -25.77
C LEU A 306 12.33 -13.12 -24.64
N LEU A 307 12.82 -13.05 -23.40
CA LEU A 307 12.00 -13.14 -22.21
C LEU A 307 12.20 -11.89 -21.38
N VAL A 308 11.11 -11.21 -21.05
CA VAL A 308 11.15 -9.95 -20.29
C VAL A 308 10.28 -10.09 -19.06
N GLY A 309 10.79 -9.63 -17.92
CA GLY A 309 10.05 -9.67 -16.67
C GLY A 309 9.55 -8.29 -16.28
N ALA A 310 8.31 -8.24 -15.79
CA ALA A 310 7.68 -7.01 -15.36
C ALA A 310 7.10 -7.25 -13.96
N PRO A 311 7.91 -7.14 -12.92
CA PRO A 311 7.41 -7.43 -11.57
C PRO A 311 6.27 -6.53 -11.13
N LEU A 312 6.22 -5.28 -11.62
CA LEU A 312 5.23 -4.31 -11.21
C LEU A 312 3.97 -4.36 -12.06
N TYR A 313 3.85 -5.33 -12.95
CA TYR A 313 2.66 -5.43 -13.80
C TYR A 313 1.42 -5.64 -12.93
N MET A 314 0.30 -5.05 -13.37
CA MET A 314 -0.97 -5.16 -12.68
C MET A 314 -1.97 -5.89 -13.55
N GLU A 315 -2.63 -6.89 -12.99
CA GLU A 315 -3.63 -7.69 -13.69
C GLU A 315 -4.97 -7.56 -12.98
N SER A 316 -5.95 -8.33 -13.44
CA SER A 316 -7.28 -8.32 -12.84
C SER A 316 -7.98 -9.62 -13.20
N ARG A 317 -8.71 -10.18 -12.24
CA ARG A 317 -9.45 -11.42 -12.43
C ARG A 317 -10.95 -11.24 -12.26
N ALA A 318 -11.38 -10.59 -11.17
CA ALA A 318 -12.79 -10.37 -10.91
C ALA A 318 -12.99 -8.97 -10.33
N ASP A 319 -14.18 -8.42 -10.55
CA ASP A 319 -14.58 -7.10 -10.06
C ASP A 319 -13.75 -5.98 -10.67
N ARG A 320 -13.01 -6.25 -11.73
CA ARG A 320 -12.17 -5.23 -12.39
C ARG A 320 -11.23 -4.58 -11.38
N LYS A 321 -10.68 -5.39 -10.47
CA LYS A 321 -9.75 -4.93 -9.46
C LYS A 321 -8.33 -5.06 -10.00
N LEU A 322 -7.64 -3.94 -10.16
CA LEU A 322 -6.27 -3.94 -10.67
C LEU A 322 -5.31 -4.23 -9.52
N ALA A 323 -4.75 -5.43 -9.50
CA ALA A 323 -3.85 -5.88 -8.45
C ALA A 323 -2.47 -6.13 -9.04
N GLU A 324 -1.44 -5.69 -8.34
CA GLU A 324 -0.07 -5.83 -8.81
C GLU A 324 0.46 -7.22 -8.46
N VAL A 325 0.73 -8.02 -9.49
CA VAL A 325 1.28 -9.36 -9.33
C VAL A 325 2.59 -9.53 -10.11
N GLY A 326 2.61 -9.08 -11.35
CA GLY A 326 3.75 -9.25 -12.23
C GLY A 326 3.40 -10.02 -13.48
N ARG A 327 4.29 -9.94 -14.46
CA ARG A 327 4.06 -10.57 -15.75
C ARG A 327 5.38 -10.93 -16.41
N VAL A 328 5.30 -11.89 -17.34
CA VAL A 328 6.44 -12.28 -18.17
C VAL A 328 6.00 -12.24 -19.63
N TYR A 329 6.80 -11.58 -20.46
CA TYR A 329 6.52 -11.43 -21.88
C TYR A 329 7.51 -12.27 -22.67
N LEU A 330 6.99 -13.06 -23.60
CA LEU A 330 7.79 -13.92 -24.47
C LEU A 330 7.65 -13.44 -25.91
N PHE A 331 8.77 -13.16 -26.55
CA PHE A 331 8.82 -12.78 -27.96
C PHE A 331 9.58 -13.87 -28.72
N LEU A 332 8.94 -14.41 -29.76
CA LEU A 332 9.53 -15.46 -30.58
C LEU A 332 10.00 -14.88 -31.90
N GLN A 333 11.22 -15.22 -32.29
CA GLN A 333 11.78 -14.72 -33.54
C GLN A 333 11.13 -15.42 -34.72
N PRO A 334 10.52 -14.70 -35.66
CA PRO A 334 9.91 -15.37 -36.81
C PRO A 334 10.95 -16.01 -37.72
N ARG A 335 10.53 -17.06 -38.41
CA ARG A 335 11.41 -17.76 -39.33
C ARG A 335 11.84 -16.82 -40.45
N GLY A 336 13.15 -16.81 -40.74
CA GLY A 336 13.69 -16.03 -41.81
C GLY A 336 13.96 -14.60 -41.40
N PRO A 337 14.50 -13.79 -42.32
CA PRO A 337 14.79 -12.38 -41.99
C PRO A 337 13.51 -11.55 -41.83
N HIS A 338 12.72 -11.86 -40.81
CA HIS A 338 11.47 -11.16 -40.54
C HIS A 338 11.56 -10.47 -39.19
N ALA A 339 11.05 -9.25 -39.12
CA ALA A 339 11.07 -8.48 -37.89
C ALA A 339 10.04 -9.00 -36.91
N LEU A 340 10.38 -8.96 -35.62
CA LEU A 340 9.45 -9.40 -34.59
C LEU A 340 8.32 -8.38 -34.42
N GLY A 341 7.18 -8.87 -33.93
CA GLY A 341 6.01 -8.03 -33.75
C GLY A 341 5.54 -7.97 -32.31
N ALA A 342 4.25 -8.28 -32.10
CA ALA A 342 3.69 -8.24 -30.76
C ALA A 342 4.23 -9.39 -29.91
N PRO A 343 4.13 -9.28 -28.59
CA PRO A 343 4.65 -10.34 -27.73
C PRO A 343 4.04 -11.70 -28.09
N SER A 344 4.90 -12.72 -28.14
CA SER A 344 4.42 -14.05 -28.50
C SER A 344 3.47 -14.60 -27.44
N LEU A 345 3.81 -14.43 -26.17
CA LEU A 345 2.96 -14.94 -25.11
C LEU A 345 3.12 -14.06 -23.86
N LEU A 346 2.10 -14.10 -23.00
CA LEU A 346 2.08 -13.38 -21.74
C LEU A 346 1.72 -14.33 -20.62
N LEU A 347 2.56 -14.37 -19.59
CA LEU A 347 2.35 -15.24 -18.44
C LEU A 347 2.15 -14.38 -17.20
N THR A 348 1.21 -14.77 -16.35
CA THR A 348 0.86 -14.03 -15.15
C THR A 348 1.11 -14.87 -13.91
N GLY A 349 1.46 -14.21 -12.81
CA GLY A 349 1.72 -14.87 -11.55
C GLY A 349 0.44 -15.05 -10.74
N THR A 350 0.62 -15.53 -9.51
CA THR A 350 -0.48 -15.81 -8.60
C THR A 350 -0.44 -14.96 -7.35
N GLN A 351 0.70 -14.90 -6.67
CA GLN A 351 0.77 -14.17 -5.42
C GLN A 351 0.58 -12.67 -5.64
N LEU A 352 0.05 -12.00 -4.62
CA LEU A 352 -0.21 -10.58 -4.67
C LEU A 352 0.99 -9.80 -4.15
N TYR A 353 1.40 -8.78 -4.90
CA TYR A 353 2.52 -7.91 -4.51
C TYR A 353 3.81 -8.69 -4.37
N GLY A 354 3.96 -9.77 -5.13
CA GLY A 354 5.15 -10.60 -5.09
C GLY A 354 6.28 -10.16 -5.99
N ARG A 355 6.08 -9.10 -6.79
CA ARG A 355 7.09 -8.64 -7.74
C ARG A 355 7.54 -9.79 -8.63
N PHE A 356 6.58 -10.58 -9.10
CA PHE A 356 6.87 -11.73 -9.96
C PHE A 356 7.40 -11.24 -11.29
N GLY A 357 8.70 -11.46 -11.54
CA GLY A 357 9.31 -11.05 -12.78
C GLY A 357 10.51 -10.13 -12.59
N SER A 358 10.95 -9.96 -11.35
CA SER A 358 12.07 -9.06 -11.08
C SER A 358 13.34 -9.54 -11.76
N ALA A 359 13.63 -10.84 -11.67
CA ALA A 359 14.84 -11.40 -12.25
C ALA A 359 14.49 -12.70 -12.97
N ILE A 360 15.14 -12.92 -14.12
CA ILE A 360 14.95 -14.13 -14.92
C ILE A 360 16.31 -14.79 -15.08
N ALA A 361 16.44 -16.01 -14.59
CA ALA A 361 17.67 -16.78 -14.70
C ALA A 361 17.43 -17.99 -15.60
N PRO A 362 17.96 -18.02 -16.82
CA PRO A 362 17.74 -19.20 -17.68
C PRO A 362 18.27 -20.47 -17.03
N LEU A 363 17.52 -21.55 -17.20
CA LEU A 363 17.90 -22.87 -16.71
C LEU A 363 18.19 -23.86 -17.83
N GLY A 364 18.28 -23.39 -19.07
CA GLY A 364 18.52 -24.29 -20.19
C GLY A 364 17.40 -25.30 -20.33
N ASP A 365 17.71 -26.58 -20.10
CA ASP A 365 16.74 -27.65 -20.16
C ASP A 365 16.73 -28.39 -18.83
N LEU A 366 15.53 -28.60 -18.27
CA LEU A 366 15.41 -29.25 -16.97
C LEU A 366 15.45 -30.77 -17.13
N ASP A 367 14.56 -31.33 -17.93
CA ASP A 367 14.50 -32.78 -18.14
C ASP A 367 15.49 -33.27 -19.19
N ARG A 368 16.23 -32.37 -19.83
CA ARG A 368 17.24 -32.75 -20.81
C ARG A 368 16.61 -33.58 -21.95
N ASP A 369 15.48 -33.08 -22.45
CA ASP A 369 14.77 -33.74 -23.56
C ASP A 369 14.79 -32.93 -24.84
N GLY A 370 14.90 -31.60 -24.75
CA GLY A 370 14.90 -30.76 -25.94
C GLY A 370 14.10 -29.49 -25.73
N TYR A 371 13.20 -29.50 -24.76
CA TYR A 371 12.37 -28.34 -24.45
C TYR A 371 13.07 -27.48 -23.39
N ASN A 372 13.40 -26.25 -23.77
CA ASN A 372 14.06 -25.35 -22.84
C ASN A 372 13.12 -24.97 -21.70
N ASP A 373 13.71 -24.78 -20.52
CA ASP A 373 12.96 -24.39 -19.32
C ASP A 373 13.70 -23.24 -18.64
N ILE A 374 12.94 -22.42 -17.92
CA ILE A 374 13.47 -21.20 -17.33
C ILE A 374 12.99 -21.08 -15.89
N ALA A 375 13.58 -20.13 -15.17
CA ALA A 375 13.17 -19.79 -13.82
C ALA A 375 13.06 -18.28 -13.69
N VAL A 376 12.10 -17.85 -12.87
CA VAL A 376 11.84 -16.44 -12.64
C VAL A 376 11.72 -16.21 -11.13
N ALA A 377 12.00 -14.97 -10.73
CA ALA A 377 12.10 -14.61 -9.32
C ALA A 377 10.85 -13.89 -8.85
N ALA A 378 10.42 -14.23 -7.64
CA ALA A 378 9.35 -13.53 -6.93
C ALA A 378 9.92 -13.17 -5.57
N PRO A 379 10.71 -12.10 -5.49
CA PRO A 379 11.51 -11.87 -4.27
C PRO A 379 10.67 -11.69 -3.01
N TYR A 380 9.40 -11.31 -3.12
CA TYR A 380 8.56 -11.08 -1.96
C TYR A 380 7.19 -11.72 -2.15
N GLY A 381 7.18 -12.94 -2.68
CA GLY A 381 5.96 -13.68 -2.90
C GLY A 381 5.66 -14.63 -1.75
N GLY A 382 4.78 -15.59 -2.04
CA GLY A 382 4.38 -16.57 -1.06
C GLY A 382 3.22 -16.10 -0.22
N PRO A 383 2.49 -17.04 0.40
CA PRO A 383 1.36 -16.62 1.26
C PRO A 383 1.79 -15.68 2.37
N SER A 384 2.96 -15.91 2.97
CA SER A 384 3.44 -15.01 4.02
C SER A 384 3.97 -13.70 3.45
N GLY A 385 4.51 -13.73 2.23
CA GLY A 385 5.03 -12.52 1.61
C GLY A 385 6.50 -12.32 1.85
N ARG A 386 7.28 -13.41 1.81
CA ARG A 386 8.72 -13.36 2.02
C ARG A 386 9.49 -13.52 0.72
N GLY A 387 9.15 -14.51 -0.09
CA GLY A 387 9.82 -14.72 -1.36
C GLY A 387 9.37 -15.98 -2.07
N GLN A 388 9.56 -16.03 -3.39
CA GLN A 388 9.19 -17.20 -4.18
C GLN A 388 10.02 -17.23 -5.45
N VAL A 389 10.23 -18.44 -5.96
CA VAL A 389 10.89 -18.67 -7.24
C VAL A 389 10.01 -19.62 -8.04
N LEU A 390 9.69 -19.23 -9.28
CA LEU A 390 8.76 -19.97 -10.12
C LEU A 390 9.51 -20.55 -11.32
N VAL A 391 9.39 -21.86 -11.51
CA VAL A 391 10.06 -22.57 -12.59
C VAL A 391 9.05 -22.80 -13.70
N PHE A 392 9.32 -22.25 -14.88
CA PHE A 392 8.47 -22.41 -16.04
C PHE A 392 9.05 -23.48 -16.95
N LEU A 393 8.27 -24.51 -17.24
CA LEU A 393 8.67 -25.60 -18.13
C LEU A 393 8.26 -25.19 -19.55
N GLY A 394 9.25 -24.82 -20.35
CA GLY A 394 8.96 -24.33 -21.68
C GLY A 394 8.45 -25.42 -22.61
N GLN A 395 7.80 -24.98 -23.67
CA GLN A 395 7.23 -25.88 -24.67
C GLN A 395 7.56 -25.36 -26.06
N SER A 396 7.48 -26.26 -27.04
CA SER A 396 7.78 -25.87 -28.42
C SER A 396 6.92 -24.69 -28.85
N GLU A 397 5.62 -24.72 -28.51
CA GLU A 397 4.75 -23.58 -28.83
C GLU A 397 5.19 -22.33 -28.07
N GLY A 398 5.56 -22.48 -26.80
CA GLY A 398 5.99 -21.34 -26.01
C GLY A 398 6.26 -21.71 -24.57
N LEU A 399 5.77 -20.88 -23.64
CA LEU A 399 5.96 -21.08 -22.21
C LEU A 399 4.61 -21.28 -21.55
N ARG A 400 4.52 -22.31 -20.71
CA ARG A 400 3.27 -22.59 -20.01
C ARG A 400 3.00 -21.51 -18.97
N SER A 401 1.74 -21.06 -18.90
CA SER A 401 1.38 -20.02 -17.95
C SER A 401 1.57 -20.49 -16.50
N ARG A 402 1.16 -21.71 -16.21
CA ARG A 402 1.27 -22.25 -14.86
C ARG A 402 2.67 -22.79 -14.63
N PRO A 403 3.40 -22.33 -13.62
CA PRO A 403 4.76 -22.85 -13.39
C PRO A 403 4.73 -24.31 -12.99
N SER A 404 5.80 -25.02 -13.39
CA SER A 404 5.91 -26.43 -13.05
C SER A 404 6.16 -26.63 -11.56
N GLN A 405 7.10 -25.86 -11.00
CA GLN A 405 7.45 -25.97 -9.60
C GLN A 405 7.60 -24.57 -9.00
N VAL A 406 7.28 -24.45 -7.71
CA VAL A 406 7.40 -23.20 -6.98
C VAL A 406 8.19 -23.47 -5.70
N LEU A 407 9.20 -22.63 -5.46
CA LEU A 407 10.05 -22.75 -4.28
C LEU A 407 9.81 -21.54 -3.38
N ASP A 408 9.51 -21.79 -2.11
CA ASP A 408 9.21 -20.74 -1.16
C ASP A 408 10.50 -20.20 -0.53
N SER A 409 10.35 -19.28 0.41
CA SER A 409 11.48 -18.64 1.08
C SER A 409 11.56 -19.13 2.53
N PRO A 410 12.50 -20.03 2.86
CA PRO A 410 12.60 -20.47 4.27
C PRO A 410 13.15 -19.39 5.20
N PHE A 411 13.77 -18.34 4.67
CA PHE A 411 14.35 -17.32 5.52
C PHE A 411 13.25 -16.47 6.16
N PRO A 412 13.57 -15.75 7.25
CA PRO A 412 12.55 -14.92 7.90
C PRO A 412 12.06 -13.79 7.02
N THR A 413 11.11 -13.01 7.52
CA THR A 413 10.57 -11.89 6.75
C THR A 413 11.66 -10.86 6.49
N GLY A 414 11.60 -10.23 5.32
CA GLY A 414 12.58 -9.25 4.92
C GLY A 414 13.83 -9.82 4.28
N SER A 415 13.95 -11.15 4.19
CA SER A 415 15.12 -11.76 3.59
C SER A 415 15.24 -11.45 2.10
N ALA A 416 14.12 -11.13 1.44
CA ALA A 416 14.12 -10.85 0.01
C ALA A 416 14.69 -12.04 -0.78
N PHE A 417 14.34 -13.24 -0.34
CA PHE A 417 14.84 -14.45 -1.02
C PHE A 417 14.38 -14.46 -2.47
N GLY A 418 15.32 -14.76 -3.37
CA GLY A 418 15.04 -14.82 -4.78
C GLY A 418 15.35 -13.55 -5.55
N PHE A 419 15.80 -12.48 -4.88
CA PHE A 419 16.08 -11.24 -5.58
C PHE A 419 17.14 -11.44 -6.65
N SER A 420 18.21 -12.15 -6.34
CA SER A 420 19.28 -12.44 -7.30
C SER A 420 19.48 -13.95 -7.37
N LEU A 421 19.41 -14.49 -8.59
CA LEU A 421 19.59 -15.92 -8.80
C LEU A 421 20.21 -16.15 -10.17
N ARG A 422 20.97 -17.23 -10.29
CA ARG A 422 21.61 -17.60 -11.53
C ARG A 422 21.56 -19.11 -11.69
N GLY A 423 21.58 -19.56 -12.94
CA GLY A 423 21.52 -20.98 -13.26
C GLY A 423 22.31 -21.28 -14.51
N ALA A 424 21.90 -22.34 -15.21
CA ALA A 424 22.54 -22.79 -16.44
C ALA A 424 23.98 -23.25 -16.22
N VAL A 425 24.34 -23.59 -14.99
CA VAL A 425 25.67 -24.07 -14.65
C VAL A 425 25.53 -25.24 -13.69
N ASP A 426 26.35 -26.27 -13.89
CA ASP A 426 26.33 -27.47 -13.08
C ASP A 426 27.54 -27.47 -12.15
N ILE A 427 27.29 -27.70 -10.86
CA ILE A 427 28.37 -27.74 -9.87
C ILE A 427 28.85 -29.16 -9.63
N ASP A 428 27.93 -30.09 -9.42
CA ASP A 428 28.26 -31.48 -9.15
C ASP A 428 28.42 -32.31 -10.42
N ASP A 429 28.28 -31.70 -11.60
CA ASP A 429 28.41 -32.40 -12.87
C ASP A 429 27.43 -33.55 -12.98
N ASN A 430 26.20 -33.32 -12.53
CA ASN A 430 25.15 -34.32 -12.60
C ASN A 430 24.33 -34.23 -13.88
N GLY A 431 24.70 -33.33 -14.80
CA GLY A 431 23.98 -33.16 -16.04
C GLY A 431 22.85 -32.16 -16.01
N TYR A 432 22.55 -31.58 -14.86
CA TYR A 432 21.47 -30.62 -14.73
C TYR A 432 21.98 -29.35 -14.04
N PRO A 433 21.40 -28.20 -14.34
CA PRO A 433 21.84 -26.97 -13.68
C PRO A 433 21.53 -26.99 -12.19
N ASP A 434 22.35 -26.26 -11.44
CA ASP A 434 22.17 -26.10 -10.00
C ASP A 434 21.79 -24.65 -9.71
N LEU A 435 20.69 -24.47 -8.98
CA LEU A 435 20.15 -23.15 -8.71
C LEU A 435 20.79 -22.54 -7.48
N ILE A 436 21.08 -21.24 -7.54
CA ILE A 436 21.65 -20.49 -6.43
C ILE A 436 20.84 -19.22 -6.26
N VAL A 437 20.47 -18.92 -5.02
CA VAL A 437 19.65 -17.75 -4.69
C VAL A 437 20.42 -16.91 -3.68
N GLY A 438 20.65 -15.64 -4.04
CA GLY A 438 21.40 -14.72 -3.19
C GLY A 438 20.53 -13.94 -2.22
N ALA A 439 20.04 -14.60 -1.17
CA ALA A 439 19.24 -13.91 -0.17
C ALA A 439 20.11 -12.97 0.65
N TYR A 440 20.15 -11.70 0.26
CA TYR A 440 21.01 -10.74 0.95
C TYR A 440 20.48 -10.40 2.34
N GLY A 441 19.16 -10.37 2.51
CA GLY A 441 18.60 -9.96 3.79
C GLY A 441 19.07 -10.82 4.94
N ALA A 442 19.13 -12.14 4.72
CA ALA A 442 19.61 -13.07 5.73
C ALA A 442 21.13 -13.23 5.70
N ASN A 443 21.82 -12.54 4.79
CA ASN A 443 23.27 -12.65 4.65
C ASN A 443 23.70 -14.08 4.35
N GLN A 444 22.86 -14.81 3.62
CA GLN A 444 23.13 -16.20 3.27
C GLN A 444 22.73 -16.45 1.82
N VAL A 445 23.39 -17.43 1.21
CA VAL A 445 23.10 -17.84 -0.16
C VAL A 445 22.63 -19.28 -0.12
N ALA A 446 21.51 -19.56 -0.78
CA ALA A 446 20.89 -20.88 -0.76
C ALA A 446 21.17 -21.58 -2.09
N VAL A 447 21.79 -22.75 -2.02
CA VAL A 447 22.11 -23.55 -3.21
C VAL A 447 21.24 -24.80 -3.17
N TYR A 448 20.45 -25.00 -4.24
CA TYR A 448 19.56 -26.14 -4.36
C TYR A 448 19.76 -26.78 -5.72
N ARG A 449 19.83 -28.11 -5.74
CA ARG A 449 20.00 -28.87 -6.97
C ARG A 449 18.63 -29.28 -7.50
N ALA A 450 18.34 -28.89 -8.73
CA ALA A 450 17.05 -29.19 -9.37
C ALA A 450 17.08 -30.62 -9.90
N GLN A 451 16.26 -31.49 -9.32
CA GLN A 451 16.17 -32.87 -9.75
C GLN A 451 14.87 -33.09 -10.51
N PRO A 452 14.90 -33.33 -11.83
CA PRO A 452 13.65 -33.54 -12.58
C PRO A 452 13.01 -34.89 -12.28
N GLY B 1 -69.77 -11.54 24.52
CA GLY B 1 -69.40 -12.91 24.96
C GLY B 1 -68.54 -12.90 26.21
N PRO B 2 -68.18 -14.10 26.71
CA PRO B 2 -67.34 -14.16 27.90
C PRO B 2 -65.98 -13.48 27.71
N ASN B 3 -65.41 -13.59 26.51
CA ASN B 3 -64.10 -13.00 26.23
C ASN B 3 -63.10 -13.52 27.27
N ILE B 4 -62.11 -12.71 27.64
CA ILE B 4 -61.07 -13.12 28.58
C ILE B 4 -61.15 -12.28 29.84
N CYS B 5 -61.64 -11.04 29.71
CA CYS B 5 -61.73 -10.17 30.88
C CYS B 5 -62.64 -10.75 31.95
N THR B 6 -63.80 -11.27 31.53
CA THR B 6 -64.76 -11.81 32.49
C THR B 6 -64.19 -13.02 33.21
N THR B 7 -63.54 -13.91 32.48
CA THR B 7 -63.00 -15.15 33.06
C THR B 7 -61.61 -14.91 33.64
N ARG B 8 -61.21 -15.81 34.55
CA ARG B 8 -59.89 -15.76 35.17
C ARG B 8 -59.65 -14.41 35.85
N GLY B 9 -60.67 -13.90 36.53
CA GLY B 9 -60.54 -12.64 37.22
C GLY B 9 -61.75 -12.29 38.07
N VAL B 10 -62.17 -11.02 38.03
CA VAL B 10 -63.32 -10.55 38.80
C VAL B 10 -63.00 -10.67 40.28
N SER B 11 -61.88 -10.12 40.70
CA SER B 11 -61.49 -10.09 42.11
C SER B 11 -61.13 -8.69 42.59
N SER B 12 -60.50 -7.88 41.74
CA SER B 12 -60.15 -6.51 42.09
C SER B 12 -59.85 -5.75 40.81
N CYS B 13 -59.84 -4.42 40.92
CA CYS B 13 -59.60 -3.60 39.74
C CYS B 13 -58.22 -3.88 39.14
N GLN B 14 -57.21 -4.00 39.98
CA GLN B 14 -55.86 -4.28 39.47
C GLN B 14 -55.83 -5.62 38.73
N GLN B 15 -56.31 -6.68 39.38
CA GLN B 15 -56.34 -7.99 38.73
C GLN B 15 -57.32 -8.00 37.57
N CYS B 16 -58.45 -7.31 37.71
CA CYS B 16 -59.46 -7.28 36.65
C CYS B 16 -58.87 -6.69 35.37
N LEU B 17 -58.12 -5.59 35.48
CA LEU B 17 -57.48 -5.00 34.32
C LEU B 17 -56.25 -5.79 33.88
N ALA B 18 -55.58 -6.45 34.80
CA ALA B 18 -54.36 -7.18 34.47
C ALA B 18 -54.61 -8.35 33.53
N VAL B 19 -55.85 -8.81 33.42
CA VAL B 19 -56.16 -9.94 32.53
C VAL B 19 -55.80 -9.58 31.09
N SER B 20 -56.19 -8.38 30.66
CA SER B 20 -55.88 -7.92 29.31
C SER B 20 -56.09 -6.41 29.26
N PRO B 21 -55.36 -5.69 28.40
CA PRO B 21 -55.59 -4.23 28.31
C PRO B 21 -57.00 -3.87 27.92
N MET B 22 -57.66 -4.69 27.11
CA MET B 22 -59.01 -4.39 26.61
C MET B 22 -60.06 -4.85 27.62
N CYS B 23 -59.95 -4.33 28.84
CA CYS B 23 -60.92 -4.57 29.89
C CYS B 23 -61.29 -3.26 30.55
N ALA B 24 -62.50 -3.19 31.09
CA ALA B 24 -63.04 -1.98 31.70
C ALA B 24 -63.70 -2.33 33.03
N TRP B 25 -63.75 -1.34 33.92
CA TRP B 25 -64.30 -1.51 35.26
C TRP B 25 -65.52 -0.61 35.44
N CYS B 26 -66.57 -1.17 36.03
CA CYS B 26 -67.80 -0.44 36.32
C CYS B 26 -67.83 -0.16 37.82
N SER B 27 -67.28 0.99 38.21
CA SER B 27 -67.20 1.33 39.63
C SER B 27 -68.59 1.49 40.23
N ASP B 28 -69.51 2.12 39.52
CA ASP B 28 -70.84 2.34 40.05
C ASP B 28 -71.55 1.01 40.30
N GLU B 29 -72.32 0.96 41.37
CA GLU B 29 -73.02 -0.27 41.74
C GLU B 29 -74.00 -0.68 40.64
N ALA B 30 -74.09 -1.98 40.39
CA ALA B 30 -74.99 -2.52 39.39
C ALA B 30 -75.36 -3.94 39.79
N LEU B 31 -76.07 -4.64 38.91
CA LEU B 31 -76.48 -6.00 39.19
C LEU B 31 -75.28 -6.93 39.12
N PRO B 32 -74.96 -7.68 40.18
CA PRO B 32 -73.81 -8.59 40.12
C PRO B 32 -74.11 -9.94 39.48
N LEU B 33 -75.36 -10.20 39.09
CA LEU B 33 -75.69 -11.50 38.53
C LEU B 33 -75.06 -11.70 37.16
N GLY B 34 -74.80 -10.62 36.43
CA GLY B 34 -74.22 -10.68 35.11
C GLY B 34 -72.71 -10.68 35.07
N SER B 35 -72.04 -10.78 36.20
CA SER B 35 -70.59 -10.73 36.29
C SER B 35 -70.04 -9.49 35.58
N PRO B 36 -70.45 -8.29 36.00
CA PRO B 36 -69.96 -7.07 35.34
C PRO B 36 -68.60 -6.64 35.85
N ARG B 37 -68.15 -5.47 35.41
CA ARG B 37 -66.94 -4.78 35.82
C ARG B 37 -65.68 -5.37 35.19
N CYS B 38 -65.77 -6.46 34.43
CA CYS B 38 -64.60 -7.02 33.74
C CYS B 38 -65.10 -7.63 32.44
N ASP B 39 -65.05 -6.83 31.37
CA ASP B 39 -65.53 -7.24 30.06
C ASP B 39 -65.10 -6.16 29.07
N LEU B 40 -65.39 -6.39 27.79
CA LEU B 40 -65.03 -5.43 26.76
C LEU B 40 -65.77 -4.11 26.98
N LYS B 41 -65.09 -3.01 26.62
CA LYS B 41 -65.69 -1.69 26.83
C LYS B 41 -67.04 -1.57 26.15
N GLU B 42 -67.18 -2.16 24.95
CA GLU B 42 -68.46 -2.10 24.26
C GLU B 42 -69.56 -2.78 25.07
N ASN B 43 -69.25 -3.93 25.68
CA ASN B 43 -70.25 -4.62 26.49
C ASN B 43 -70.66 -3.77 27.69
N LEU B 44 -69.71 -3.13 28.34
CA LEU B 44 -70.03 -2.25 29.47
C LEU B 44 -70.90 -1.08 29.01
N LEU B 45 -70.58 -0.50 27.86
CA LEU B 45 -71.39 0.58 27.33
C LEU B 45 -72.82 0.12 27.07
N LYS B 46 -72.98 -1.08 26.49
CA LYS B 46 -74.31 -1.64 26.33
C LYS B 46 -75.00 -1.86 27.67
N ASP B 47 -74.22 -2.06 28.73
CA ASP B 47 -74.75 -2.25 30.08
C ASP B 47 -74.73 -0.95 30.89
N ASN B 48 -74.44 0.18 30.25
CA ASN B 48 -74.44 1.47 30.93
C ASN B 48 -73.32 1.53 31.96
N CYS B 49 -73.59 2.15 33.12
CA CYS B 49 -72.58 2.32 34.16
C CYS B 49 -71.38 3.13 33.66
N ALA B 50 -71.68 4.35 33.19
CA ALA B 50 -70.65 5.29 32.75
C ALA B 50 -70.97 6.67 33.30
N PRO B 51 -70.91 6.84 34.65
CA PRO B 51 -71.10 8.16 35.26
C PRO B 51 -69.80 8.94 35.41
N GLU B 52 -69.05 9.06 34.31
CA GLU B 52 -67.74 9.69 34.29
C GLU B 52 -66.72 8.99 35.18
N SER B 53 -67.05 7.80 35.68
CA SER B 53 -66.17 7.03 36.54
C SER B 53 -65.57 5.81 35.85
N ILE B 54 -65.72 5.72 34.53
CA ILE B 54 -65.19 4.56 33.81
C ILE B 54 -63.67 4.54 33.93
N GLU B 55 -63.13 3.38 34.27
CA GLU B 55 -61.69 3.19 34.46
C GLU B 55 -61.19 2.32 33.31
N PHE B 56 -60.80 2.96 32.21
CA PHE B 56 -60.26 2.29 31.03
C PHE B 56 -58.98 2.98 30.63
N PRO B 57 -57.91 2.82 31.41
CA PRO B 57 -56.65 3.49 31.09
C PRO B 57 -56.09 3.02 29.74
N VAL B 58 -55.47 3.96 29.03
CA VAL B 58 -54.86 3.69 27.73
C VAL B 58 -53.47 4.30 27.71
N SER B 59 -52.65 3.81 26.78
CA SER B 59 -51.28 4.28 26.62
C SER B 59 -51.26 5.44 25.63
N GLU B 60 -50.81 6.61 26.10
CA GLU B 60 -50.73 7.81 25.28
C GLU B 60 -49.31 8.35 25.32
N ALA B 61 -48.78 8.70 24.16
CA ALA B 61 -47.43 9.23 24.03
C ALA B 61 -47.50 10.75 24.02
N ARG B 62 -46.78 11.39 24.94
CA ARG B 62 -46.75 12.85 25.06
C ARG B 62 -45.36 13.35 24.67
N VAL B 63 -45.33 14.27 23.73
CA VAL B 63 -44.08 14.85 23.25
C VAL B 63 -43.77 16.11 24.07
N LEU B 64 -42.57 16.17 24.64
CA LEU B 64 -42.14 17.29 25.45
C LEU B 64 -41.30 18.28 24.64
N GLU B 65 -40.21 17.81 24.03
CA GLU B 65 -39.32 18.64 23.22
C GLU B 65 -39.32 18.09 21.81
N ASP B 66 -39.87 18.85 20.87
CA ASP B 66 -40.03 18.44 19.48
C ASP B 66 -39.60 19.58 18.55
N ARG B 67 -38.42 20.14 18.81
CA ARG B 67 -37.94 21.25 18.00
C ARG B 67 -37.79 20.80 16.55
N PRO B 68 -38.13 21.65 15.58
CA PRO B 68 -38.02 21.24 14.17
C PRO B 68 -36.58 20.93 13.77
N LEU B 69 -36.44 19.99 12.84
CA LEU B 69 -35.13 19.66 12.30
C LEU B 69 -34.58 20.81 11.47
N SER B 70 -33.26 20.89 11.41
CA SER B 70 -32.61 21.91 10.60
C SER B 70 -32.91 21.68 9.12
N ASP B 71 -33.18 22.76 8.41
CA ASP B 71 -33.52 22.71 6.98
C ASP B 71 -32.42 23.26 6.08
N LYS B 72 -31.79 24.36 6.45
CA LYS B 72 -30.74 24.96 5.63
C LYS B 72 -29.63 24.09 5.01
N SER B 77 -29.57 30.15 14.35
CA SER B 77 -28.45 29.47 13.71
C SER B 77 -27.54 28.82 14.76
N SER B 78 -28.09 28.59 15.95
CA SER B 78 -27.35 27.97 17.05
C SER B 78 -28.12 26.81 17.66
N GLN B 79 -28.93 26.12 16.85
CA GLN B 79 -29.72 24.99 17.31
C GLN B 79 -29.12 23.65 16.87
N VAL B 80 -28.88 23.48 15.58
CA VAL B 80 -28.35 22.23 15.04
C VAL B 80 -29.21 21.08 15.53
N THR B 81 -30.47 21.04 15.08
CA THR B 81 -31.41 20.00 15.47
C THR B 81 -31.29 18.84 14.49
N GLN B 82 -30.70 17.74 14.94
CA GLN B 82 -30.49 16.57 14.10
C GLN B 82 -31.55 15.49 14.32
N VAL B 83 -32.09 15.37 15.53
CA VAL B 83 -33.10 14.37 15.85
C VAL B 83 -34.32 15.10 16.40
N SER B 84 -35.49 14.80 15.84
CA SER B 84 -36.75 15.41 16.27
C SER B 84 -37.80 14.29 16.34
N PRO B 85 -38.58 14.21 17.43
CA PRO B 85 -38.57 15.07 18.62
C PRO B 85 -37.35 14.81 19.52
N GLN B 86 -37.04 15.74 20.43
CA GLN B 86 -35.86 15.62 21.28
C GLN B 86 -36.16 14.86 22.57
N ARG B 87 -37.23 15.22 23.27
CA ARG B 87 -37.57 14.60 24.54
C ARG B 87 -39.02 14.13 24.49
N ILE B 88 -39.24 12.87 24.84
CA ILE B 88 -40.55 12.23 24.75
C ILE B 88 -40.95 11.75 26.14
N ALA B 89 -42.24 11.89 26.46
CA ALA B 89 -42.82 11.36 27.68
C ALA B 89 -43.93 10.37 27.31
N LEU B 90 -43.87 9.18 27.88
CA LEU B 90 -44.79 8.11 27.53
C LEU B 90 -45.36 7.49 28.81
N ARG B 91 -46.60 7.01 28.70
CA ARG B 91 -47.27 6.28 29.76
C ARG B 91 -47.70 4.92 29.23
N LEU B 92 -47.40 3.86 29.97
CA LEU B 92 -47.63 2.50 29.52
C LEU B 92 -48.40 1.71 30.58
N ARG B 93 -49.12 0.68 30.13
CA ARG B 93 -49.86 -0.24 30.95
C ARG B 93 -49.19 -1.62 30.92
N PRO B 94 -49.26 -2.39 32.00
CA PRO B 94 -48.65 -3.73 31.96
C PRO B 94 -49.22 -4.57 30.83
N ASP B 95 -48.33 -5.31 30.17
CA ASP B 95 -48.69 -6.14 29.03
C ASP B 95 -49.35 -5.28 27.94
N ASP B 96 -48.58 -4.31 27.44
CA ASP B 96 -49.07 -3.37 26.45
C ASP B 96 -47.99 -3.16 25.39
N SER B 97 -48.43 -2.69 24.22
CA SER B 97 -47.53 -2.40 23.11
C SER B 97 -47.94 -1.10 22.46
N LYS B 98 -46.96 -0.30 22.05
CA LYS B 98 -47.24 0.96 21.41
C LYS B 98 -46.10 1.34 20.47
N ASN B 99 -46.44 2.06 19.40
CA ASN B 99 -45.50 2.43 18.36
C ASN B 99 -45.28 3.94 18.35
N PHE B 100 -44.11 4.36 17.87
CA PHE B 100 -43.79 5.77 17.74
C PHE B 100 -42.77 5.94 16.62
N SER B 101 -42.91 7.03 15.87
CA SER B 101 -42.06 7.31 14.72
C SER B 101 -41.05 8.39 15.08
N ILE B 102 -39.78 8.14 14.76
CA ILE B 102 -38.68 9.06 15.04
C ILE B 102 -37.99 9.38 13.71
N GLN B 103 -37.81 10.66 13.44
CA GLN B 103 -37.20 11.12 12.19
C GLN B 103 -35.83 11.74 12.47
N VAL B 104 -34.87 11.45 11.61
CA VAL B 104 -33.51 11.95 11.73
C VAL B 104 -33.07 12.51 10.38
N ARG B 105 -32.46 13.69 10.40
CA ARG B 105 -31.97 14.35 9.20
C ARG B 105 -30.54 14.82 9.41
N GLN B 106 -29.72 14.69 8.37
CA GLN B 106 -28.33 15.13 8.46
C GLN B 106 -28.26 16.66 8.50
N VAL B 107 -27.40 17.17 9.38
CA VAL B 107 -27.22 18.61 9.53
C VAL B 107 -25.75 18.96 9.38
N GLU B 108 -24.90 18.33 10.18
CA GLU B 108 -23.47 18.67 10.17
C GLU B 108 -22.83 18.28 8.85
N ASP B 109 -21.87 19.09 8.41
CA ASP B 109 -21.15 18.80 7.19
C ASP B 109 -20.17 17.64 7.38
N TYR B 110 -19.79 17.02 6.28
CA TYR B 110 -18.90 15.87 6.33
C TYR B 110 -17.48 16.32 6.66
N PRO B 111 -16.85 15.79 7.70
CA PRO B 111 -15.45 16.15 7.97
C PRO B 111 -14.52 15.62 6.90
N VAL B 112 -13.40 16.32 6.71
CA VAL B 112 -12.42 15.98 5.68
C VAL B 112 -11.02 16.19 6.24
N ASP B 113 -10.11 15.30 5.87
CA ASP B 113 -8.69 15.43 6.19
C ASP B 113 -7.90 15.35 4.89
N ILE B 114 -7.11 16.38 4.63
CA ILE B 114 -6.38 16.52 3.37
C ILE B 114 -4.88 16.47 3.66
N TYR B 115 -4.15 15.75 2.83
CA TYR B 115 -2.70 15.69 2.89
C TYR B 115 -2.12 16.15 1.57
N TYR B 116 -1.03 16.90 1.64
CA TYR B 116 -0.42 17.52 0.46
C TYR B 116 1.06 17.18 0.42
N LEU B 117 1.48 16.46 -0.61
CA LEU B 117 2.88 16.09 -0.82
C LEU B 117 3.49 16.98 -1.88
N MET B 118 4.61 17.61 -1.54
CA MET B 118 5.29 18.55 -2.43
C MET B 118 6.72 18.09 -2.70
N ASP B 119 7.14 18.24 -3.95
CA ASP B 119 8.51 17.94 -4.34
C ASP B 119 9.35 19.21 -4.26
N LEU B 120 10.59 19.06 -3.79
CA LEU B 120 11.51 20.18 -3.64
C LEU B 120 12.78 19.94 -4.46
N SER B 121 12.61 19.39 -5.65
CA SER B 121 13.74 19.14 -6.53
C SER B 121 14.17 20.43 -7.23
N TYR B 122 15.41 20.42 -7.75
CA TYR B 122 15.92 21.58 -8.46
C TYR B 122 15.08 21.88 -9.69
N SER B 123 14.68 20.86 -10.44
CA SER B 123 13.84 21.06 -11.60
C SER B 123 12.49 21.65 -11.20
N MET B 124 11.93 21.19 -10.08
CA MET B 124 10.65 21.70 -9.60
C MET B 124 10.72 23.19 -9.28
N LYS B 125 11.92 23.74 -9.06
CA LYS B 125 12.04 25.13 -8.64
C LYS B 125 11.28 26.06 -9.58
N ASP B 126 11.48 25.89 -10.89
CA ASP B 126 10.80 26.75 -11.85
C ASP B 126 9.29 26.72 -11.65
N ASP B 127 8.74 25.53 -11.40
CA ASP B 127 7.32 25.37 -11.12
C ASP B 127 7.01 25.35 -9.63
N LEU B 128 8.03 25.41 -8.77
CA LEU B 128 7.80 25.26 -7.34
C LEU B 128 6.74 26.25 -6.86
N TRP B 129 6.92 27.53 -7.17
CA TRP B 129 5.93 28.53 -6.81
C TRP B 129 4.52 28.03 -7.09
N SER B 130 4.27 27.59 -8.32
CA SER B 130 2.93 27.19 -8.70
C SER B 130 2.38 26.15 -7.73
N ILE B 131 3.16 25.11 -7.43
CA ILE B 131 2.64 24.03 -6.61
C ILE B 131 2.23 24.58 -5.25
N GLN B 132 3.00 25.53 -4.72
CA GLN B 132 2.64 26.14 -3.44
C GLN B 132 1.21 26.67 -3.49
N ASN B 133 0.91 27.44 -4.54
CA ASN B 133 -0.46 27.94 -4.70
C ASN B 133 -1.46 26.79 -4.67
N LEU B 134 -1.16 25.72 -5.42
CA LEU B 134 -2.08 24.60 -5.52
C LEU B 134 -2.43 24.07 -4.14
N GLY B 135 -1.52 24.22 -3.19
CA GLY B 135 -1.85 23.89 -1.81
C GLY B 135 -2.85 24.87 -1.25
N THR B 136 -2.43 26.13 -1.07
CA THR B 136 -3.26 27.08 -0.34
C THR B 136 -4.60 27.29 -1.05
N LYS B 137 -4.55 27.46 -2.37
CA LYS B 137 -5.80 27.60 -3.13
C LYS B 137 -6.75 26.45 -2.82
N LEU B 138 -6.23 25.22 -2.84
CA LEU B 138 -7.07 24.07 -2.54
C LEU B 138 -7.72 24.23 -1.17
N ALA B 139 -6.94 24.64 -0.17
CA ALA B 139 -7.50 24.86 1.15
C ALA B 139 -8.68 25.82 1.08
N THR B 140 -8.52 26.92 0.34
CA THR B 140 -9.62 27.87 0.20
C THR B 140 -10.86 27.17 -0.33
N GLN B 141 -10.71 26.29 -1.33
CA GLN B 141 -11.86 25.59 -1.87
C GLN B 141 -12.60 24.83 -0.78
N MET B 142 -11.85 24.20 0.13
CA MET B 142 -12.48 23.46 1.21
C MET B 142 -12.99 24.38 2.32
N ARG B 143 -12.48 25.60 2.41
CA ARG B 143 -12.97 26.52 3.43
C ARG B 143 -14.41 26.93 3.14
N LYS B 144 -14.74 27.18 1.89
CA LYS B 144 -16.09 27.57 1.49
C LYS B 144 -16.99 26.37 1.24
N LEU B 145 -16.44 25.16 1.21
CA LEU B 145 -17.22 23.96 0.94
C LEU B 145 -17.64 23.23 2.21
N THR B 146 -16.89 23.36 3.30
CA THR B 146 -17.24 22.71 4.55
C THR B 146 -16.60 23.48 5.70
N SER B 147 -17.13 23.23 6.90
CA SER B 147 -16.64 23.89 8.11
C SER B 147 -15.62 23.07 8.86
N ASN B 148 -15.84 21.76 9.00
CA ASN B 148 -14.91 20.88 9.70
C ASN B 148 -13.93 20.31 8.69
N LEU B 149 -12.66 20.70 8.82
CA LEU B 149 -11.63 20.25 7.89
C LEU B 149 -10.27 20.34 8.55
N ARG B 150 -9.40 19.39 8.21
CA ARG B 150 -8.01 19.39 8.67
C ARG B 150 -7.11 19.26 7.46
N ILE B 151 -5.95 19.92 7.51
CA ILE B 151 -5.02 19.95 6.39
C ILE B 151 -3.60 19.76 6.92
N GLY B 152 -2.82 18.94 6.20
CA GLY B 152 -1.43 18.72 6.53
C GLY B 152 -0.64 18.52 5.26
N PHE B 153 0.68 18.62 5.39
CA PHE B 153 1.52 18.48 4.20
C PHE B 153 2.93 18.04 4.57
N GLY B 154 3.61 17.48 3.58
CA GLY B 154 4.99 17.05 3.70
C GLY B 154 5.73 17.27 2.40
N ALA B 155 7.06 17.23 2.50
CA ALA B 155 7.93 17.51 1.37
C ALA B 155 8.90 16.35 1.16
N PHE B 156 9.29 16.16 -0.10
CA PHE B 156 10.21 15.09 -0.46
C PHE B 156 11.11 15.57 -1.59
N VAL B 157 12.32 15.02 -1.65
CA VAL B 157 13.24 15.29 -2.76
C VAL B 157 13.67 13.97 -3.39
N ASP B 158 14.44 13.17 -2.66
CA ASP B 158 14.93 11.88 -3.13
C ASP B 158 15.72 11.25 -1.98
N LYS B 159 15.99 9.95 -2.11
CA LYS B 159 16.71 9.24 -1.07
C LYS B 159 18.09 9.86 -0.86
N PRO B 160 18.51 10.06 0.39
CA PRO B 160 19.88 10.60 0.63
C PRO B 160 20.97 9.54 0.48
N VAL B 161 21.26 9.20 -0.78
CA VAL B 161 22.26 8.18 -1.08
C VAL B 161 22.77 8.43 -2.49
N SER B 162 24.05 8.11 -2.71
CA SER B 162 24.63 8.26 -4.03
C SER B 162 23.98 7.28 -5.00
N PRO B 163 23.84 7.66 -6.29
CA PRO B 163 24.26 8.91 -6.92
C PRO B 163 23.20 10.01 -6.84
N TYR B 164 22.14 9.81 -6.07
CA TYR B 164 21.08 10.81 -6.01
C TYR B 164 21.57 12.13 -5.43
N MET B 165 22.70 12.14 -4.74
CA MET B 165 23.26 13.36 -4.17
C MET B 165 24.75 13.42 -4.46
N TYR B 166 25.27 14.64 -4.50
CA TYR B 166 26.70 14.84 -4.71
C TYR B 166 27.46 14.68 -3.40
N ILE B 167 28.60 14.00 -3.47
CA ILE B 167 29.42 13.74 -2.29
C ILE B 167 30.78 14.42 -2.35
N SER B 168 31.23 14.87 -3.52
CA SER B 168 32.50 15.55 -3.66
C SER B 168 32.27 16.96 -4.21
N PRO B 169 32.79 18.02 -3.55
CA PRO B 169 33.61 18.01 -2.33
C PRO B 169 32.80 17.70 -1.09
N PRO B 170 33.44 17.52 0.07
CA PRO B 170 32.67 17.21 1.28
C PRO B 170 31.58 18.23 1.57
N GLU B 171 31.81 19.51 1.25
CA GLU B 171 30.77 20.51 1.44
C GLU B 171 29.51 20.19 0.64
N ALA B 172 29.63 19.36 -0.40
CA ALA B 172 28.46 18.95 -1.15
C ALA B 172 27.45 18.24 -0.26
N LEU B 173 27.92 17.57 0.79
CA LEU B 173 26.99 16.91 1.72
C LEU B 173 26.07 17.93 2.38
N GLU B 174 26.62 19.05 2.83
CA GLU B 174 25.82 20.13 3.41
C GLU B 174 25.34 21.13 2.38
N ASN B 175 25.87 21.10 1.16
CA ASN B 175 25.47 22.03 0.11
C ASN B 175 25.82 21.44 -1.26
N PRO B 176 24.98 20.55 -1.80
CA PRO B 176 25.32 19.92 -3.09
C PRO B 176 25.41 20.89 -4.24
N CYS B 177 24.85 22.09 -4.11
CA CYS B 177 24.86 23.09 -5.18
C CYS B 177 26.20 23.83 -5.22
N TYR B 178 27.28 23.05 -5.37
CA TYR B 178 28.62 23.61 -5.41
C TYR B 178 29.05 23.99 -6.82
N ASP B 179 28.64 23.22 -7.83
CA ASP B 179 29.03 23.54 -9.20
C ASP B 179 28.48 24.89 -9.64
N MET B 180 27.23 25.18 -9.27
CA MET B 180 26.58 26.43 -9.67
C MET B 180 26.91 27.59 -8.72
N LYS B 181 27.70 27.35 -7.67
CA LYS B 181 28.06 28.39 -6.71
C LYS B 181 26.81 29.00 -6.08
N THR B 182 25.84 28.16 -5.76
CA THR B 182 24.61 28.58 -5.11
C THR B 182 24.38 27.75 -3.86
N THR B 183 23.62 28.30 -2.92
CA THR B 183 23.35 27.66 -1.65
C THR B 183 21.97 27.03 -1.69
N CYS B 184 21.91 25.70 -1.55
CA CYS B 184 20.67 24.97 -1.45
C CYS B 184 20.73 24.01 -0.27
N LEU B 185 19.59 23.82 0.37
CA LEU B 185 19.52 22.97 1.54
C LEU B 185 19.79 21.51 1.16
N PRO B 186 20.31 20.70 2.09
CA PRO B 186 20.58 19.30 1.76
C PRO B 186 19.33 18.57 1.32
N MET B 187 19.49 17.70 0.33
CA MET B 187 18.39 16.90 -0.18
C MET B 187 18.05 15.78 0.80
N PHE B 188 16.76 15.50 0.94
CA PHE B 188 16.28 14.49 1.88
C PHE B 188 15.20 13.65 1.22
N GLY B 189 15.04 12.43 1.74
CA GLY B 189 14.03 11.53 1.22
C GLY B 189 12.61 12.00 1.50
N TYR B 190 12.23 12.04 2.77
CA TYR B 190 10.91 12.50 3.18
C TYR B 190 11.03 13.28 4.47
N LYS B 191 10.30 14.39 4.56
CA LYS B 191 10.33 15.25 5.74
C LYS B 191 8.90 15.77 5.97
N HIS B 192 8.16 15.08 6.84
CA HIS B 192 6.84 15.57 7.21
C HIS B 192 6.96 16.95 7.83
N VAL B 193 6.12 17.89 7.37
CA VAL B 193 6.21 19.28 7.77
C VAL B 193 5.07 19.67 8.71
N LEU B 194 3.83 19.56 8.26
CA LEU B 194 2.67 19.94 9.05
C LEU B 194 1.75 18.74 9.20
N THR B 195 1.42 18.40 10.43
CA THR B 195 0.41 17.39 10.71
C THR B 195 -0.98 17.95 10.47
N LEU B 196 -1.94 17.04 10.25
CA LEU B 196 -3.32 17.47 10.01
C LEU B 196 -3.80 18.35 11.15
N THR B 197 -4.37 19.50 10.79
CA THR B 197 -4.87 20.46 11.77
C THR B 197 -5.75 21.46 11.05
N ASP B 198 -6.49 22.24 11.84
CA ASP B 198 -7.40 23.25 11.32
C ASP B 198 -6.75 24.63 11.20
N GLN B 199 -5.47 24.76 11.55
CA GLN B 199 -4.78 26.04 11.51
C GLN B 199 -4.31 26.28 10.08
N VAL B 200 -5.17 26.92 9.28
CA VAL B 200 -4.86 27.15 7.88
C VAL B 200 -3.70 28.14 7.73
N THR B 201 -3.66 29.16 8.59
CA THR B 201 -2.59 30.15 8.49
C THR B 201 -1.24 29.52 8.74
N ARG B 202 -1.14 28.64 9.75
CA ARG B 202 0.11 27.94 10.00
C ARG B 202 0.48 27.05 8.83
N PHE B 203 -0.52 26.38 8.23
CA PHE B 203 -0.27 25.57 7.05
C PHE B 203 0.35 26.40 5.93
N ASN B 204 -0.24 27.56 5.64
CA ASN B 204 0.27 28.41 4.58
C ASN B 204 1.67 28.91 4.90
N GLU B 205 1.90 29.32 6.15
CA GLU B 205 3.23 29.80 6.53
C GLU B 205 4.28 28.71 6.37
N GLU B 206 3.98 27.49 6.80
CA GLU B 206 4.95 26.40 6.68
C GLU B 206 5.17 26.02 5.22
N VAL B 207 4.11 26.05 4.41
CA VAL B 207 4.27 25.75 2.99
C VAL B 207 5.18 26.78 2.34
N LYS B 208 4.96 28.06 2.65
CA LYS B 208 5.81 29.11 2.08
C LYS B 208 7.24 29.01 2.58
N LYS B 209 7.43 28.59 3.83
CA LYS B 209 8.78 28.49 4.40
C LYS B 209 9.63 27.46 3.69
N GLN B 210 9.02 26.48 3.03
CA GLN B 210 9.79 25.42 2.38
C GLN B 210 10.67 25.99 1.27
N SER B 211 11.84 25.39 1.12
CA SER B 211 12.82 25.79 0.12
C SER B 211 13.04 24.64 -0.86
N VAL B 212 14.01 24.81 -1.75
CA VAL B 212 14.29 23.83 -2.79
C VAL B 212 15.64 23.17 -2.51
N SER B 213 15.79 21.95 -3.03
CA SER B 213 17.06 21.22 -2.92
C SER B 213 17.51 20.78 -4.31
N ARG B 214 18.57 19.97 -4.37
CA ARG B 214 19.12 19.50 -5.63
C ARG B 214 19.38 18.00 -5.56
N ASN B 215 19.22 17.35 -6.71
CA ASN B 215 19.50 15.92 -6.86
C ASN B 215 20.15 15.71 -8.22
N ARG B 216 20.47 14.46 -8.53
CA ARG B 216 21.18 14.12 -9.76
C ARG B 216 20.23 13.61 -10.83
N ASP B 217 19.46 12.56 -10.53
CA ASP B 217 18.59 11.94 -11.51
C ASP B 217 17.22 12.61 -11.52
N ALA B 218 16.64 12.75 -12.71
CA ALA B 218 15.35 13.42 -12.83
C ALA B 218 14.26 12.76 -12.00
N PRO B 219 14.11 11.43 -11.99
CA PRO B 219 13.06 10.82 -11.17
C PRO B 219 13.23 11.16 -9.70
N GLU B 220 12.10 11.32 -9.01
CA GLU B 220 12.09 11.70 -7.61
C GLU B 220 11.26 10.69 -6.82
N GLY B 221 11.62 10.51 -5.55
CA GLY B 221 10.99 9.51 -4.71
C GLY B 221 9.66 9.95 -4.13
N GLY B 222 8.63 10.08 -4.97
CA GLY B 222 7.32 10.43 -4.49
C GLY B 222 6.57 9.26 -3.86
N PHE B 223 6.85 8.04 -4.31
CA PHE B 223 6.17 6.87 -3.75
C PHE B 223 6.52 6.68 -2.28
N ASP B 224 7.78 6.94 -1.90
CA ASP B 224 8.15 6.85 -0.50
C ASP B 224 7.35 7.85 0.34
N ALA B 225 7.22 9.07 -0.15
CA ALA B 225 6.45 10.07 0.58
C ALA B 225 4.98 9.67 0.69
N ILE B 226 4.41 9.13 -0.40
CA ILE B 226 3.01 8.71 -0.37
C ILE B 226 2.83 7.60 0.65
N MET B 227 3.73 6.62 0.66
CA MET B 227 3.62 5.53 1.62
C MET B 227 3.75 6.04 3.04
N GLN B 228 4.70 6.93 3.29
CA GLN B 228 4.87 7.48 4.64
C GLN B 228 3.62 8.23 5.09
N ALA B 229 3.03 9.02 4.18
CA ALA B 229 1.82 9.75 4.53
C ALA B 229 0.66 8.81 4.81
N THR B 230 0.52 7.75 4.02
CA THR B 230 -0.60 6.83 4.14
C THR B 230 -0.36 5.71 5.14
N VAL B 231 0.82 5.63 5.75
CA VAL B 231 1.14 4.57 6.69
C VAL B 231 1.22 5.08 8.13
N CYS B 232 1.58 6.34 8.34
CA CYS B 232 1.69 6.90 9.68
C CYS B 232 0.36 7.48 10.12
N ASP B 233 -0.11 7.08 11.30
CA ASP B 233 -1.38 7.54 11.84
C ASP B 233 -1.20 8.59 12.93
N GLU B 234 -0.41 8.27 13.97
CA GLU B 234 -0.17 9.24 15.04
C GLU B 234 0.55 10.47 14.52
N LYS B 235 1.55 10.28 13.67
CA LYS B 235 2.28 11.43 13.12
C LYS B 235 1.37 12.29 12.27
N ILE B 236 0.51 11.68 11.46
CA ILE B 236 -0.39 12.43 10.59
C ILE B 236 -1.71 12.76 11.26
N GLY B 237 -2.11 12.01 12.28
CA GLY B 237 -3.34 12.28 13.00
C GLY B 237 -4.59 12.15 12.16
N TRP B 238 -4.67 11.07 11.38
CA TRP B 238 -5.87 10.82 10.58
C TRP B 238 -7.08 10.56 11.49
N ARG B 239 -8.24 10.97 11.01
CA ARG B 239 -9.50 10.77 11.73
C ARG B 239 -10.26 9.61 11.09
N ASN B 240 -10.60 8.62 11.91
CA ASN B 240 -11.29 7.44 11.39
C ASN B 240 -12.65 7.80 10.81
N ASP B 241 -13.40 8.64 11.52
CA ASP B 241 -14.76 9.01 11.09
C ASP B 241 -14.75 10.26 10.22
N ALA B 242 -13.96 10.26 9.16
CA ALA B 242 -13.90 11.39 8.24
C ALA B 242 -13.28 10.92 6.92
N SER B 243 -13.64 11.62 5.85
CA SER B 243 -13.08 11.31 4.54
C SER B 243 -11.62 11.78 4.49
N HIS B 244 -10.84 11.12 3.63
CA HIS B 244 -9.42 11.41 3.47
C HIS B 244 -9.12 11.71 2.02
N LEU B 245 -8.29 12.72 1.79
CA LEU B 245 -7.85 13.11 0.46
C LEU B 245 -6.34 13.31 0.45
N LEU B 246 -5.71 12.95 -0.66
CA LEU B 246 -4.28 13.08 -0.84
C LEU B 246 -4.00 13.75 -2.17
N VAL B 247 -3.16 14.78 -2.16
CA VAL B 247 -2.79 15.52 -3.37
C VAL B 247 -1.27 15.55 -3.47
N PHE B 248 -0.73 14.97 -4.54
CA PHE B 248 0.70 14.87 -4.76
C PHE B 248 1.08 15.75 -5.94
N THR B 249 2.11 16.58 -5.76
CA THR B 249 2.53 17.52 -6.79
C THR B 249 3.93 17.18 -7.28
N THR B 250 4.13 17.30 -8.60
CA THR B 250 5.41 17.00 -9.21
C THR B 250 5.45 17.69 -10.58
N ASP B 251 6.65 17.75 -11.15
CA ASP B 251 6.85 18.38 -12.45
C ASP B 251 7.56 17.43 -13.42
N ALA B 252 8.35 16.51 -12.88
CA ALA B 252 9.14 15.61 -13.73
C ALA B 252 8.85 14.15 -13.37
N LYS B 253 9.65 13.24 -13.91
CA LYS B 253 9.45 11.82 -13.66
C LYS B 253 9.50 11.54 -12.15
N THR B 254 8.92 10.40 -11.77
CA THR B 254 8.87 9.96 -10.38
C THR B 254 9.50 8.58 -10.25
N HIS B 255 10.31 8.40 -9.21
CA HIS B 255 10.92 7.10 -8.98
C HIS B 255 9.86 6.05 -8.70
N ILE B 256 10.12 4.83 -9.19
CA ILE B 256 9.21 3.70 -9.00
C ILE B 256 9.97 2.59 -8.29
N ALA B 257 9.28 1.48 -8.02
CA ALA B 257 9.91 0.38 -7.30
C ALA B 257 11.07 -0.20 -8.10
N LEU B 258 12.09 -0.64 -7.38
CA LEU B 258 13.30 -1.27 -7.90
C LEU B 258 14.30 -0.25 -8.44
N ASP B 259 13.97 1.04 -8.44
CA ASP B 259 14.95 2.04 -8.88
C ASP B 259 16.13 2.12 -7.92
N GLY B 260 15.90 1.85 -6.63
CA GLY B 260 16.97 1.91 -5.66
C GLY B 260 18.12 0.99 -5.97
N ARG B 261 17.92 0.02 -6.87
CA ARG B 261 19.03 -0.81 -7.31
C ARG B 261 20.18 0.03 -7.82
N LEU B 262 19.87 1.15 -8.47
CA LEU B 262 20.93 2.05 -8.93
C LEU B 262 21.72 2.62 -7.75
N ALA B 263 21.04 2.99 -6.68
CA ALA B 263 21.68 3.53 -5.49
C ALA B 263 22.08 2.43 -4.50
N GLY B 264 21.77 1.18 -4.79
CA GLY B 264 22.13 0.09 -3.90
C GLY B 264 21.10 -0.24 -2.84
N ILE B 265 19.88 0.26 -2.97
CA ILE B 265 18.82 0.00 -2.00
C ILE B 265 17.81 -0.93 -2.64
N VAL B 266 17.55 -2.06 -1.98
CA VAL B 266 16.65 -3.07 -2.52
C VAL B 266 15.54 -3.48 -1.55
N GLN B 267 15.69 -3.28 -0.25
CA GLN B 267 14.66 -3.67 0.69
C GLN B 267 13.39 -2.84 0.42
N PRO B 268 12.23 -3.47 0.26
CA PRO B 268 11.01 -2.69 -0.01
C PRO B 268 10.61 -1.83 1.18
N ASN B 269 9.62 -0.98 0.93
CA ASN B 269 9.04 -0.12 1.96
C ASN B 269 7.75 -0.79 2.44
N ASP B 270 7.83 -1.45 3.60
CA ASP B 270 6.69 -2.17 4.13
C ASP B 270 5.66 -1.21 4.71
N GLY B 271 4.51 -1.75 5.08
CA GLY B 271 3.44 -0.96 5.64
C GLY B 271 3.65 -0.62 7.09
N GLN B 272 4.76 0.07 7.39
CA GLN B 272 5.08 0.49 8.74
C GLN B 272 5.56 1.94 8.71
N CYS B 273 5.35 2.64 9.83
CA CYS B 273 5.76 4.02 9.95
C CYS B 273 7.17 4.09 10.52
N HIS B 274 8.03 4.87 9.88
CA HIS B 274 9.43 5.01 10.28
C HIS B 274 9.80 6.47 10.46
N VAL B 275 8.90 7.23 11.10
CA VAL B 275 9.13 8.65 11.36
C VAL B 275 8.68 8.97 12.78
N GLY B 276 9.63 9.08 13.71
CA GLY B 276 9.30 9.38 15.08
C GLY B 276 10.34 10.23 15.78
N SER B 277 9.91 11.35 16.36
CA SER B 277 10.73 12.29 17.12
C SER B 277 11.79 12.98 16.27
N ASP B 278 11.80 12.78 14.95
CA ASP B 278 12.78 13.41 14.08
C ASP B 278 12.20 14.00 12.81
N ASN B 279 10.97 13.66 12.43
CA ASN B 279 10.35 14.16 11.20
C ASN B 279 11.20 13.86 9.98
N HIS B 280 11.87 12.72 9.98
CA HIS B 280 12.72 12.30 8.87
C HIS B 280 12.54 10.81 8.62
N TYR B 281 12.81 10.40 7.39
CA TYR B 281 12.76 8.99 7.00
C TYR B 281 14.11 8.38 7.33
N SER B 282 14.22 7.85 8.56
CA SER B 282 15.49 7.29 9.01
C SER B 282 15.92 6.10 8.15
N ALA B 283 14.97 5.24 7.78
CA ALA B 283 15.26 4.05 7.00
C ALA B 283 15.27 4.29 5.49
N SER B 284 15.29 5.56 5.07
CA SER B 284 15.27 5.86 3.64
C SER B 284 16.45 5.20 2.92
N THR B 285 17.63 5.22 3.55
CA THR B 285 18.81 4.62 2.94
C THR B 285 18.75 3.10 2.90
N THR B 286 17.79 2.48 3.60
CA THR B 286 17.67 1.03 3.64
C THR B 286 16.28 0.55 3.27
N MET B 287 15.51 1.36 2.54
CA MET B 287 14.17 0.98 2.10
C MET B 287 13.97 1.44 0.66
N ASP B 288 13.33 0.58 -0.13
CA ASP B 288 13.17 0.83 -1.56
C ASP B 288 11.84 1.53 -1.83
N TYR B 289 11.71 2.08 -3.03
CA TYR B 289 10.49 2.75 -3.43
C TYR B 289 9.33 1.75 -3.44
N PRO B 290 8.24 2.01 -2.72
CA PRO B 290 7.10 1.09 -2.80
C PRO B 290 6.45 1.12 -4.17
N SER B 291 5.91 -0.03 -4.56
CA SER B 291 5.27 -0.15 -5.86
C SER B 291 3.84 0.39 -5.80
N LEU B 292 3.20 0.43 -6.97
CA LEU B 292 1.83 0.95 -7.05
C LEU B 292 0.87 0.08 -6.25
N GLY B 293 1.14 -1.21 -6.15
CA GLY B 293 0.24 -2.10 -5.43
C GLY B 293 0.12 -1.75 -3.96
N LEU B 294 1.27 -1.51 -3.31
CA LEU B 294 1.25 -1.16 -1.90
C LEU B 294 0.51 0.16 -1.66
N MET B 295 0.77 1.16 -2.51
CA MET B 295 0.07 2.44 -2.37
C MET B 295 -1.43 2.27 -2.56
N THR B 296 -1.84 1.48 -3.56
CA THR B 296 -3.26 1.25 -3.78
C THR B 296 -3.89 0.54 -2.59
N GLU B 297 -3.19 -0.45 -2.03
CA GLU B 297 -3.72 -1.16 -0.86
C GLU B 297 -3.87 -0.22 0.33
N LYS B 298 -2.87 0.63 0.55
CA LYS B 298 -2.96 1.59 1.66
C LYS B 298 -4.12 2.56 1.45
N LEU B 299 -4.29 3.06 0.22
CA LEU B 299 -5.38 3.99 -0.06
C LEU B 299 -6.73 3.32 0.17
N SER B 300 -6.89 2.07 -0.30
CA SER B 300 -8.15 1.38 -0.14
C SER B 300 -8.45 1.10 1.33
N GLN B 301 -7.46 0.58 2.06
CA GLN B 301 -7.68 0.26 3.47
C GLN B 301 -7.99 1.50 4.28
N LYS B 302 -7.26 2.59 4.03
CA LYS B 302 -7.43 3.83 4.76
C LYS B 302 -8.52 4.72 4.18
N ASN B 303 -9.12 4.33 3.05
CA ASN B 303 -10.16 5.11 2.39
C ASN B 303 -9.63 6.51 2.05
N ILE B 304 -8.57 6.53 1.25
CA ILE B 304 -7.88 7.75 0.85
C ILE B 304 -7.95 7.87 -0.66
N ASN B 305 -8.35 9.04 -1.15
CA ASN B 305 -8.41 9.32 -2.58
C ASN B 305 -7.21 10.17 -2.97
N LEU B 306 -6.51 9.76 -4.03
CA LEU B 306 -5.27 10.39 -4.46
C LEU B 306 -5.52 11.18 -5.74
N ILE B 307 -5.05 12.41 -5.77
CA ILE B 307 -5.15 13.28 -6.94
C ILE B 307 -3.74 13.68 -7.34
N PHE B 308 -3.33 13.28 -8.54
CA PHE B 308 -2.02 13.62 -9.08
C PHE B 308 -2.15 14.90 -9.89
N ALA B 309 -1.62 16.00 -9.35
CA ALA B 309 -1.61 17.29 -10.03
C ALA B 309 -0.24 17.47 -10.68
N VAL B 310 -0.20 17.43 -12.01
CA VAL B 310 1.06 17.47 -12.75
C VAL B 310 0.93 18.43 -13.91
N THR B 311 2.08 18.87 -14.42
CA THR B 311 2.13 19.79 -15.53
C THR B 311 1.70 19.09 -16.83
N GLU B 312 1.24 19.90 -17.79
CA GLU B 312 0.78 19.36 -19.06
C GLU B 312 1.90 18.70 -19.85
N ASN B 313 3.16 18.98 -19.51
CA ASN B 313 4.27 18.42 -20.28
C ASN B 313 4.30 16.90 -20.20
N VAL B 314 4.06 16.34 -19.01
CA VAL B 314 4.12 14.90 -18.80
C VAL B 314 2.82 14.43 -18.19
N VAL B 315 1.73 15.14 -18.49
CA VAL B 315 0.43 14.77 -17.92
C VAL B 315 0.01 13.38 -18.38
N ASN B 316 0.44 12.96 -19.57
CA ASN B 316 0.05 11.66 -20.08
C ASN B 316 0.57 10.53 -19.19
N LEU B 317 1.76 10.71 -18.62
CA LEU B 317 2.32 9.68 -17.73
C LEU B 317 1.39 9.44 -16.54
N TYR B 318 0.94 10.52 -15.90
CA TYR B 318 0.09 10.38 -14.73
C TYR B 318 -1.35 10.01 -15.11
N GLN B 319 -1.78 10.34 -16.33
CA GLN B 319 -3.05 9.80 -16.82
C GLN B 319 -2.97 8.29 -16.94
N ASN B 320 -1.85 7.78 -17.47
CA ASN B 320 -1.64 6.33 -17.51
C ASN B 320 -1.62 5.75 -16.09
N TYR B 321 -0.92 6.41 -15.17
CA TYR B 321 -0.88 5.94 -13.80
C TYR B 321 -2.28 5.83 -13.21
N SER B 322 -3.09 6.87 -13.39
CA SER B 322 -4.45 6.84 -12.87
C SER B 322 -5.27 5.73 -13.52
N GLU B 323 -5.11 5.53 -14.83
CA GLU B 323 -5.78 4.42 -15.49
C GLU B 323 -5.38 3.09 -14.86
N LEU B 324 -4.10 2.95 -14.49
CA LEU B 324 -3.63 1.73 -13.86
C LEU B 324 -4.03 1.63 -12.40
N ILE B 325 -4.20 2.77 -11.72
CA ILE B 325 -4.51 2.82 -10.31
C ILE B 325 -5.97 3.25 -10.16
N PRO B 326 -6.88 2.34 -9.79
CA PRO B 326 -8.27 2.76 -9.57
C PRO B 326 -8.40 3.68 -8.37
N GLY B 327 -9.38 4.59 -8.45
CA GLY B 327 -9.72 5.46 -7.34
C GLY B 327 -9.04 6.81 -7.35
N THR B 328 -7.96 6.97 -8.10
CA THR B 328 -7.23 8.23 -8.15
C THR B 328 -7.67 9.05 -9.35
N THR B 329 -7.31 10.34 -9.34
CA THR B 329 -7.66 11.26 -10.40
C THR B 329 -6.41 12.02 -10.83
N VAL B 330 -6.51 12.66 -11.99
CA VAL B 330 -5.39 13.40 -12.59
C VAL B 330 -5.83 14.82 -12.88
N GLY B 331 -4.95 15.78 -12.62
CA GLY B 331 -5.24 17.17 -12.86
C GLY B 331 -4.01 17.90 -13.35
N VAL B 332 -4.26 19.06 -13.96
CA VAL B 332 -3.20 19.87 -14.55
C VAL B 332 -2.69 20.85 -13.50
N LEU B 333 -1.39 20.82 -13.25
CA LEU B 333 -0.73 21.74 -12.31
C LEU B 333 -0.08 22.84 -13.14
N SER B 334 -0.73 24.00 -13.19
CA SER B 334 -0.24 25.13 -13.97
C SER B 334 -0.69 26.41 -13.27
N MET B 335 -0.62 27.54 -13.98
CA MET B 335 -1.05 28.80 -13.41
C MET B 335 -2.49 28.72 -12.91
N ASP B 336 -3.33 27.93 -13.57
CA ASP B 336 -4.71 27.74 -13.16
C ASP B 336 -4.91 26.28 -12.74
N SER B 337 -5.48 26.09 -11.55
CA SER B 337 -5.71 24.76 -10.99
C SER B 337 -7.17 24.33 -11.11
N SER B 338 -7.90 24.88 -12.08
CA SER B 338 -9.31 24.54 -12.22
C SER B 338 -9.50 23.04 -12.47
N ASN B 339 -8.64 22.45 -13.29
CA ASN B 339 -8.74 21.02 -13.58
C ASN B 339 -8.50 20.18 -12.33
N VAL B 340 -7.90 20.75 -11.29
CA VAL B 340 -7.73 20.04 -10.03
C VAL B 340 -8.90 20.31 -9.09
N LEU B 341 -9.36 21.57 -9.03
CA LEU B 341 -10.48 21.90 -8.16
C LEU B 341 -11.74 21.17 -8.58
N GLN B 342 -12.00 21.08 -9.89
CA GLN B 342 -13.19 20.38 -10.36
C GLN B 342 -13.15 18.90 -9.96
N LEU B 343 -11.99 18.25 -10.12
CA LEU B 343 -11.88 16.85 -9.73
C LEU B 343 -12.03 16.69 -8.22
N ILE B 344 -11.47 17.61 -7.44
CA ILE B 344 -11.62 17.53 -5.99
C ILE B 344 -13.09 17.65 -5.59
N VAL B 345 -13.81 18.58 -6.22
CA VAL B 345 -15.23 18.74 -5.93
C VAL B 345 -16.00 17.48 -6.31
N ASP B 346 -15.68 16.92 -7.48
CA ASP B 346 -16.36 15.70 -7.91
C ASP B 346 -16.12 14.56 -6.92
N ALA B 347 -14.87 14.40 -6.46
CA ALA B 347 -14.57 13.36 -5.49
C ALA B 347 -15.31 13.60 -4.18
N TYR B 348 -15.34 14.85 -3.72
CA TYR B 348 -16.03 15.16 -2.47
C TYR B 348 -17.54 14.95 -2.59
N GLY B 349 -18.08 15.07 -3.80
CA GLY B 349 -19.51 14.88 -3.99
C GLY B 349 -19.98 13.44 -3.89
N LYS B 350 -19.05 12.47 -3.92
CA LYS B 350 -19.40 11.07 -3.83
C LYS B 350 -19.37 10.53 -2.40
N ILE B 351 -19.05 11.37 -1.41
CA ILE B 351 -18.98 10.90 -0.03
C ILE B 351 -20.37 10.55 0.46
N ARG B 352 -20.50 9.38 1.08
CA ARG B 352 -21.76 8.90 1.61
C ARG B 352 -21.57 8.47 3.06
N SER B 353 -22.54 8.82 3.90
CA SER B 353 -22.51 8.52 5.33
C SER B 353 -23.53 7.43 5.64
N LYS B 354 -23.54 7.01 6.91
CA LYS B 354 -24.45 5.98 7.39
C LYS B 354 -25.19 6.51 8.61
N VAL B 355 -26.46 6.16 8.73
CA VAL B 355 -27.32 6.58 9.83
C VAL B 355 -27.71 5.34 10.61
N GLU B 356 -27.08 5.14 11.77
CA GLU B 356 -27.36 4.01 12.64
C GLU B 356 -27.68 4.53 14.02
N LEU B 357 -28.51 3.77 14.76
CA LEU B 357 -28.97 4.18 16.07
C LEU B 357 -28.83 3.02 17.05
N GLU B 358 -28.59 3.36 18.31
CA GLU B 358 -28.52 2.40 19.40
C GLU B 358 -29.39 2.88 20.55
N VAL B 359 -29.77 1.94 21.41
CA VAL B 359 -30.65 2.22 22.54
C VAL B 359 -29.91 1.86 23.82
N ARG B 360 -29.95 2.77 24.80
CA ARG B 360 -29.23 2.60 26.05
C ARG B 360 -30.13 2.93 27.23
N ASP B 361 -29.82 2.31 28.37
CA ASP B 361 -30.54 2.53 29.62
C ASP B 361 -31.94 1.94 29.59
N LEU B 362 -32.09 0.78 28.95
CA LEU B 362 -33.35 0.05 28.90
C LEU B 362 -33.18 -1.32 29.52
N PRO B 363 -34.02 -1.70 30.50
CA PRO B 363 -33.97 -3.07 31.01
C PRO B 363 -34.30 -4.07 29.92
N GLU B 364 -33.69 -5.26 30.04
CA GLU B 364 -33.89 -6.31 29.04
C GLU B 364 -35.33 -6.80 29.00
N GLU B 365 -36.12 -6.53 30.04
CA GLU B 365 -37.50 -7.03 30.07
C GLU B 365 -38.31 -6.50 28.90
N LEU B 366 -38.19 -5.21 28.61
CA LEU B 366 -38.96 -4.62 27.52
C LEU B 366 -38.46 -5.16 26.18
N SER B 367 -39.40 -5.31 25.25
CA SER B 367 -39.10 -5.80 23.91
C SER B 367 -39.32 -4.70 22.89
N LEU B 368 -38.49 -4.68 21.85
CA LEU B 368 -38.52 -3.64 20.83
C LEU B 368 -38.49 -4.25 19.44
N SER B 369 -39.15 -3.56 18.51
CA SER B 369 -39.11 -3.90 17.09
C SER B 369 -39.06 -2.60 16.30
N PHE B 370 -38.56 -2.67 15.08
CA PHE B 370 -38.37 -1.47 14.28
C PHE B 370 -38.48 -1.80 12.80
N ASN B 371 -38.82 -0.76 12.02
CA ASN B 371 -38.81 -0.82 10.58
C ASN B 371 -38.15 0.45 10.06
N ALA B 372 -37.58 0.37 8.86
CA ALA B 372 -36.84 1.48 8.27
C ALA B 372 -37.50 1.95 6.98
N THR B 373 -37.56 3.28 6.81
CA THR B 373 -38.12 3.91 5.60
C THR B 373 -37.18 5.05 5.24
N CYS B 374 -36.21 4.76 4.39
CA CYS B 374 -35.22 5.74 3.97
C CYS B 374 -35.75 6.54 2.78
N LEU B 375 -34.88 7.32 2.13
CA LEU B 375 -35.30 8.16 1.03
C LEU B 375 -35.92 7.35 -0.12
N ASN B 376 -35.61 6.06 -0.20
CA ASN B 376 -36.19 5.22 -1.25
C ASN B 376 -37.69 5.02 -1.07
N ASN B 377 -38.25 5.42 0.08
CA ASN B 377 -39.69 5.28 0.33
C ASN B 377 -40.12 3.82 0.33
N GLU B 378 -39.22 2.92 0.72
CA GLU B 378 -39.51 1.50 0.80
C GLU B 378 -39.40 1.06 2.26
N VAL B 379 -40.47 0.44 2.76
CA VAL B 379 -40.49 -0.01 4.14
C VAL B 379 -39.78 -1.36 4.22
N ILE B 380 -38.76 -1.45 5.07
CA ILE B 380 -37.99 -2.67 5.25
C ILE B 380 -38.00 -3.04 6.73
N PRO B 381 -38.49 -4.22 7.12
CA PRO B 381 -38.42 -4.62 8.52
C PRO B 381 -37.13 -5.34 8.86
N GLY B 382 -36.65 -5.12 10.08
CA GLY B 382 -35.46 -5.77 10.57
C GLY B 382 -34.16 -5.07 10.24
N LEU B 383 -34.20 -3.99 9.46
CA LEU B 383 -33.01 -3.23 9.09
C LEU B 383 -33.06 -1.88 9.81
N LYS B 384 -32.02 -1.59 10.58
CA LYS B 384 -31.95 -0.35 11.35
C LYS B 384 -31.21 0.77 10.63
N SER B 385 -30.70 0.52 9.43
CA SER B 385 -29.96 1.55 8.70
C SER B 385 -29.81 1.11 7.25
N CYS B 386 -30.12 2.02 6.32
CA CYS B 386 -29.92 1.78 4.91
C CYS B 386 -28.51 2.22 4.51
N MET B 387 -28.18 2.00 3.23
CA MET B 387 -26.88 2.37 2.68
C MET B 387 -27.08 3.44 1.61
N GLY B 388 -26.23 4.47 1.65
CA GLY B 388 -26.28 5.53 0.68
C GLY B 388 -27.02 6.76 1.16
N LEU B 389 -26.74 7.19 2.38
CA LEU B 389 -27.36 8.38 2.95
C LEU B 389 -26.58 9.62 2.53
N LYS B 390 -27.31 10.69 2.21
CA LYS B 390 -26.73 11.94 1.75
C LYS B 390 -27.27 13.08 2.60
N ILE B 391 -26.49 14.17 2.66
CA ILE B 391 -26.89 15.33 3.45
C ILE B 391 -28.25 15.84 2.98
N GLY B 392 -29.12 16.14 3.94
CA GLY B 392 -30.45 16.62 3.64
C GLY B 392 -31.52 15.55 3.61
N ASP B 393 -31.14 14.28 3.55
CA ASP B 393 -32.11 13.20 3.54
C ASP B 393 -32.69 13.00 4.94
N THR B 394 -33.98 12.67 4.99
CA THR B 394 -34.68 12.41 6.24
C THR B 394 -35.08 10.95 6.29
N VAL B 395 -34.74 10.28 7.38
CA VAL B 395 -35.02 8.86 7.58
C VAL B 395 -35.93 8.73 8.80
N SER B 396 -37.04 8.01 8.62
CA SER B 396 -38.02 7.80 9.68
C SER B 396 -38.04 6.34 10.07
N PHE B 397 -37.92 6.07 11.37
CA PHE B 397 -37.97 4.73 11.92
C PHE B 397 -39.18 4.62 12.84
N SER B 398 -39.98 3.59 12.65
CA SER B 398 -41.16 3.32 13.48
C SER B 398 -40.78 2.23 14.47
N ILE B 399 -40.57 2.63 15.72
CA ILE B 399 -40.17 1.72 16.79
C ILE B 399 -41.41 1.36 17.60
N GLU B 400 -41.65 0.07 17.75
CA GLU B 400 -42.75 -0.46 18.55
C GLU B 400 -42.16 -1.12 19.79
N ALA B 401 -42.60 -0.66 20.96
CA ALA B 401 -42.12 -1.16 22.24
C ALA B 401 -43.26 -1.88 22.95
N LYS B 402 -42.96 -3.05 23.50
CA LYS B 402 -43.91 -3.86 24.25
C LYS B 402 -43.34 -4.12 25.64
N VAL B 403 -44.17 -3.88 26.66
CA VAL B 403 -43.79 -4.02 28.06
C VAL B 403 -44.72 -5.03 28.70
N ARG B 404 -44.15 -5.97 29.45
CA ARG B 404 -44.90 -6.98 30.18
C ARG B 404 -44.76 -6.74 31.67
N GLY B 405 -45.89 -6.61 32.36
CA GLY B 405 -45.89 -6.38 33.79
C GLY B 405 -45.63 -4.93 34.14
N CYS B 406 -45.77 -4.63 35.43
CA CYS B 406 -45.56 -3.28 35.94
C CYS B 406 -44.25 -3.24 36.73
N PRO B 407 -43.21 -2.57 36.23
CA PRO B 407 -41.96 -2.51 37.02
C PRO B 407 -42.16 -1.80 38.34
N GLN B 408 -41.42 -2.25 39.36
CA GLN B 408 -41.54 -1.66 40.68
C GLN B 408 -41.07 -0.20 40.69
N GLU B 409 -40.13 0.15 39.81
CA GLU B 409 -39.63 1.52 39.78
C GLU B 409 -40.74 2.50 39.42
N LYS B 410 -41.60 2.14 38.46
CA LYS B 410 -42.73 2.95 38.05
C LYS B 410 -42.31 4.15 37.22
N GLU B 411 -41.00 4.35 37.07
CA GLU B 411 -40.48 5.46 36.27
C GLU B 411 -39.13 5.05 35.71
N LYS B 412 -38.98 5.19 34.39
CA LYS B 412 -37.73 4.84 33.71
C LYS B 412 -37.39 5.95 32.72
N SER B 413 -36.10 6.03 32.38
CA SER B 413 -35.62 7.00 31.40
C SER B 413 -34.52 6.34 30.58
N PHE B 414 -34.68 6.30 29.27
CA PHE B 414 -33.70 5.69 28.38
C PHE B 414 -33.38 6.64 27.23
N THR B 415 -32.37 6.28 26.46
CA THR B 415 -31.83 7.14 25.42
C THR B 415 -31.70 6.38 24.11
N ILE B 416 -31.94 7.08 23.01
CA ILE B 416 -31.70 6.58 21.66
C ILE B 416 -30.65 7.49 21.05
N LYS B 417 -29.46 6.94 20.81
CA LYS B 417 -28.32 7.70 20.30
C LYS B 417 -28.02 7.29 18.88
N PRO B 418 -28.14 8.18 17.89
CA PRO B 418 -27.60 7.88 16.56
C PRO B 418 -26.08 7.75 16.59
N VAL B 419 -25.57 6.90 15.72
CA VAL B 419 -24.12 6.67 15.67
C VAL B 419 -23.44 7.86 15.04
N GLY B 420 -22.45 8.41 15.74
CA GLY B 420 -21.69 9.54 15.25
C GLY B 420 -22.32 10.90 15.47
N PHE B 421 -23.47 10.96 16.14
CA PHE B 421 -24.17 12.21 16.39
C PHE B 421 -24.28 12.44 17.89
N LYS B 422 -23.87 13.63 18.34
CA LYS B 422 -23.96 13.95 19.77
C LYS B 422 -25.41 14.01 20.23
N ASP B 423 -26.30 14.55 19.40
CA ASP B 423 -27.70 14.67 19.78
C ASP B 423 -28.30 13.29 20.01
N SER B 424 -29.21 13.20 20.98
CA SER B 424 -29.85 11.93 21.32
C SER B 424 -31.29 12.21 21.76
N LEU B 425 -32.11 11.17 21.68
CA LEU B 425 -33.51 11.24 22.05
C LEU B 425 -33.69 10.66 23.45
N ILE B 426 -34.22 11.47 24.37
CA ILE B 426 -34.43 11.06 25.76
C ILE B 426 -35.91 10.74 25.92
N VAL B 427 -36.21 9.49 26.29
CA VAL B 427 -37.57 9.02 26.45
C VAL B 427 -37.79 8.64 27.90
N GLN B 428 -38.78 9.24 28.53
CA GLN B 428 -39.14 8.97 29.92
C GLN B 428 -40.48 8.25 29.95
N VAL B 429 -40.50 7.06 30.54
CA VAL B 429 -41.68 6.19 30.55
C VAL B 429 -42.18 6.07 31.98
N THR B 430 -43.51 6.13 32.13
CA THR B 430 -44.17 5.97 33.41
C THR B 430 -45.20 4.86 33.30
N PHE B 431 -45.54 4.27 34.46
CA PHE B 431 -46.50 3.18 34.54
C PHE B 431 -47.51 3.48 35.64
N ASP B 432 -48.75 3.04 35.42
CA ASP B 432 -49.84 3.22 36.38
C ASP B 432 -50.47 1.84 36.62
N CYS B 433 -49.91 1.09 37.57
CA CYS B 433 -50.43 -0.24 37.84
C CYS B 433 -51.78 -0.20 38.54
N ASP B 434 -51.93 0.68 39.53
CA ASP B 434 -53.15 0.74 40.31
C ASP B 434 -54.23 1.54 39.57
N CYS B 435 -55.47 1.36 40.01
CA CYS B 435 -56.60 2.07 39.45
C CYS B 435 -56.82 3.39 40.17
N ALA B 436 -57.36 4.36 39.44
CA ALA B 436 -57.63 5.67 40.03
C ALA B 436 -58.64 5.58 41.17
N CYS B 437 -59.70 4.77 40.97
CA CYS B 437 -60.73 4.66 42.00
C CYS B 437 -60.17 4.17 43.32
N GLN B 438 -59.08 3.40 43.28
CA GLN B 438 -58.47 2.90 44.51
C GLN B 438 -58.01 4.04 45.40
N ALA B 439 -57.81 5.24 44.86
CA ALA B 439 -57.44 6.38 45.68
C ALA B 439 -58.47 6.63 46.77
N GLN B 440 -59.72 6.23 46.55
CA GLN B 440 -60.74 6.38 47.58
C GLN B 440 -60.39 5.53 48.80
N ALA B 441 -59.90 4.33 48.58
CA ALA B 441 -59.46 3.45 49.66
C ALA B 441 -60.64 2.98 50.51
N GLU B 442 -61.14 3.86 51.37
CA GLU B 442 -62.24 3.51 52.27
C GLU B 442 -61.92 2.22 53.00
N PRO B 443 -60.93 2.22 53.90
CA PRO B 443 -60.56 0.96 54.57
C PRO B 443 -61.70 0.34 55.36
N ASN B 444 -62.57 1.15 55.96
CA ASN B 444 -63.70 0.65 56.73
C ASN B 444 -64.98 1.25 56.18
N SER B 445 -65.97 0.38 55.95
CA SER B 445 -67.27 0.82 55.44
C SER B 445 -68.34 -0.12 55.96
N HIS B 446 -69.50 0.45 56.28
CA HIS B 446 -70.60 -0.37 56.82
C HIS B 446 -71.11 -1.38 55.80
N ARG B 447 -70.84 -1.18 54.51
CA ARG B 447 -71.29 -2.13 53.49
C ARG B 447 -70.50 -3.43 53.53
N CYS B 448 -69.32 -3.43 54.15
CA CYS B 448 -68.56 -4.66 54.32
C CYS B 448 -69.02 -5.41 55.56
N ASN B 449 -70.32 -5.69 55.65
CA ASN B 449 -70.91 -6.43 56.77
C ASN B 449 -70.61 -5.70 58.09
N ASN B 450 -71.15 -4.49 58.20
CA ASN B 450 -71.06 -3.70 59.43
C ASN B 450 -69.61 -3.37 59.77
N GLY B 451 -68.89 -2.80 58.79
CA GLY B 451 -67.53 -2.36 59.01
C GLY B 451 -66.58 -3.47 59.42
N ASN B 452 -66.66 -4.60 58.71
CA ASN B 452 -65.81 -5.75 58.96
C ASN B 452 -65.10 -6.17 57.69
N GLY B 453 -64.56 -5.20 56.96
CA GLY B 453 -63.88 -5.49 55.71
C GLY B 453 -63.39 -4.22 55.06
N THR B 454 -62.81 -4.39 53.88
CA THR B 454 -62.29 -3.29 53.09
C THR B 454 -63.13 -3.14 51.82
N PHE B 455 -63.33 -1.89 51.39
CA PHE B 455 -64.14 -1.58 50.22
C PHE B 455 -63.25 -1.00 49.13
N GLU B 456 -63.50 -1.40 47.89
CA GLU B 456 -62.69 -0.96 46.76
C GLU B 456 -63.56 -0.94 45.51
N CYS B 457 -63.93 0.26 45.07
CA CYS B 457 -64.59 0.47 43.79
C CYS B 457 -65.72 -0.54 43.57
N GLY B 458 -66.60 -0.66 44.57
CA GLY B 458 -67.79 -1.47 44.45
C GLY B 458 -67.66 -2.91 44.89
N VAL B 459 -66.47 -3.34 45.32
CA VAL B 459 -66.24 -4.72 45.74
C VAL B 459 -65.69 -4.72 47.16
N CYS B 460 -66.26 -5.55 48.02
CA CYS B 460 -65.78 -5.70 49.39
C CYS B 460 -64.82 -6.88 49.46
N ARG B 461 -63.56 -6.61 49.77
CA ARG B 461 -62.58 -7.63 50.08
C ARG B 461 -62.36 -7.63 51.59
N CYS B 462 -62.54 -8.79 52.21
CA CYS B 462 -62.61 -8.87 53.66
C CYS B 462 -61.88 -10.11 54.15
N GLY B 463 -61.25 -9.98 55.31
CA GLY B 463 -60.72 -11.11 56.03
C GLY B 463 -59.75 -11.95 55.24
N PRO B 464 -59.24 -13.01 55.85
CA PRO B 464 -58.38 -13.98 55.13
C PRO B 464 -59.19 -15.13 54.51
N GLY B 465 -60.09 -14.79 53.61
CA GLY B 465 -60.90 -15.79 52.94
C GLY B 465 -62.32 -15.37 52.63
N TRP B 466 -62.81 -14.33 53.32
CA TRP B 466 -64.16 -13.83 53.04
C TRP B 466 -64.23 -13.33 51.62
N LEU B 467 -64.99 -14.03 50.76
CA LEU B 467 -65.05 -13.72 49.34
C LEU B 467 -66.43 -13.28 48.87
N GLY B 468 -67.45 -13.34 49.72
CA GLY B 468 -68.78 -12.99 49.28
C GLY B 468 -68.89 -11.53 48.87
N SER B 469 -69.84 -11.25 47.98
CA SER B 469 -70.04 -9.89 47.52
C SER B 469 -70.42 -8.97 48.67
N GLN B 470 -71.25 -9.45 49.58
CA GLN B 470 -71.66 -8.69 50.75
C GLN B 470 -70.70 -8.85 51.92
N CYS B 471 -69.60 -9.58 51.74
CA CYS B 471 -68.62 -9.81 52.81
C CYS B 471 -69.29 -10.48 54.02
N GLU B 472 -70.04 -11.54 53.75
CA GLU B 472 -70.73 -12.30 54.78
C GLU B 472 -70.59 -13.81 54.62
N CYS B 473 -69.96 -14.29 53.55
CA CYS B 473 -69.87 -15.72 53.30
C CYS B 473 -68.93 -16.44 54.28
N SER B 474 -68.12 -15.70 55.03
CA SER B 474 -67.20 -16.30 55.99
C SER B 474 -66.19 -17.20 55.28
N GLU B 475 -65.31 -17.84 56.05
CA GLU B 475 -64.30 -18.74 55.50
C GLU B 475 -64.59 -20.21 55.76
N GLU B 476 -65.18 -20.54 56.90
CA GLU B 476 -65.53 -21.92 57.20
C GLU B 476 -66.95 -22.27 56.77
N ASP B 477 -67.85 -21.29 56.77
CA ASP B 477 -69.23 -21.50 56.34
C ASP B 477 -69.32 -21.33 54.82
N TYR B 478 -70.53 -21.25 54.30
CA TYR B 478 -70.78 -21.09 52.86
C TYR B 478 -70.14 -22.24 52.08
N ARG B 479 -70.65 -23.44 52.33
CA ARG B 479 -70.19 -24.67 51.66
C ARG B 479 -71.40 -25.43 51.15
N PRO B 480 -72.12 -24.85 50.19
CA PRO B 480 -73.30 -25.54 49.64
C PRO B 480 -72.91 -26.78 48.86
N SER B 481 -73.83 -27.74 48.83
CA SER B 481 -73.61 -29.00 48.11
C SER B 481 -74.78 -29.30 47.19
#